data_2D4W
#
_entry.id   2D4W
#
_cell.length_a   105.430
_cell.length_b   105.430
_cell.length_c   195.715
_cell.angle_alpha   90.00
_cell.angle_beta   90.00
_cell.angle_gamma   90.00
#
_symmetry.space_group_name_H-M   'P 41 21 2'
#
loop_
_entity.id
_entity.type
_entity.pdbx_description
1 polymer 'glycerol kinase'
2 non-polymer (4S)-2-METHYL-2,4-PENTANEDIOL
3 water water
#
_entity_poly.entity_id   1
_entity_poly.type   'polypeptide(L)'
_entity_poly.pdbx_seq_one_letter_code
;ADYVLAIDQGTTSSRAIVFDHSGEIYSTGQLEHDQIFPRAGWVEHNPEQIWNNVREVVGLALTRGNLTHEDIAAVGITNQ
RETAVVWDKTTGKPVYNAIVWQDTRTQKIVDELGGDEGAEKYKSIVGLPLATYFSGPKIKWILDNVEGAREKAEKGDLLF
GNTDTWVLWNMTGGTEGGVHVTDVTNASRTMLMDLDTLSWREDIAADMGIPLSMLPDIRSSSEVYGHGRPRGLVPGVPIA
GILGDQQAATFGQACFEVGQAKNTYGTGNFLLLNTGTEKVMSKNGLLTTVCYKIGDAPAVYALEGSIAVTGSLVQWLRDN
LGMFEDAPDVEWLAGKVQDNGGAYFVPAFSGLFAPYWRPDARGALVGLTRYVNRNHIARAALEATAFQSREVVDAMNADS
GVDLTELRVDGGMVANELLMQFQADQLGVDVVRPKVAETTALGAAYAAGIAVGFWKGEQDVIDNWAEDKRWSPSMESGER
ERLYRNWKKAVTKTMEWVDEDVEQ
;
_entity_poly.pdbx_strand_id   A,B
#
# COMPACT_ATOMS: atom_id res chain seq x y z
N ALA A 1 35.01 -46.74 -1.47
CA ALA A 1 33.74 -45.96 -1.53
C ALA A 1 34.14 -44.54 -1.83
N ASP A 2 33.64 -44.02 -2.93
CA ASP A 2 34.04 -42.70 -3.35
C ASP A 2 32.96 -41.65 -3.03
N TYR A 3 31.78 -42.09 -2.64
CA TYR A 3 30.65 -41.16 -2.47
C TYR A 3 29.98 -41.28 -1.11
N VAL A 4 29.22 -40.26 -0.77
CA VAL A 4 28.43 -40.25 0.45
C VAL A 4 27.00 -39.97 0.01
N LEU A 5 26.06 -40.74 0.55
CA LEU A 5 24.67 -40.60 0.18
C LEU A 5 23.93 -39.79 1.26
N ALA A 6 23.34 -38.67 0.86
CA ALA A 6 22.49 -37.89 1.77
C ALA A 6 21.02 -38.11 1.48
N ILE A 7 20.22 -38.30 2.53
CA ILE A 7 18.78 -38.36 2.39
C ILE A 7 18.12 -37.13 3.02
N ASP A 8 17.42 -36.34 2.23
CA ASP A 8 16.78 -35.18 2.77
C ASP A 8 15.28 -35.47 2.77
N GLN A 9 14.73 -35.81 3.94
CA GLN A 9 13.32 -36.14 4.07
C GLN A 9 12.59 -34.85 4.45
N GLY A 10 12.14 -34.11 3.44
CA GLY A 10 11.54 -32.80 3.60
C GLY A 10 10.04 -32.73 3.87
N THR A 11 9.51 -31.52 3.90
CA THR A 11 8.09 -31.30 4.17
C THR A 11 7.24 -31.75 3.00
N THR A 12 7.58 -31.32 1.79
CA THR A 12 6.79 -31.69 0.64
C THR A 12 7.35 -32.83 -0.18
N SER A 13 8.64 -33.10 -0.06
CA SER A 13 9.17 -34.21 -0.81
C SER A 13 10.37 -34.77 -0.11
N SER A 14 10.97 -35.81 -0.71
CA SER A 14 12.13 -36.43 -0.18
C SER A 14 13.08 -36.65 -1.32
N ARG A 15 14.36 -36.39 -1.08
CA ARG A 15 15.33 -36.62 -2.10
C ARG A 15 16.60 -37.31 -1.61
N ALA A 16 17.20 -38.13 -2.46
CA ALA A 16 18.54 -38.65 -2.18
C ALA A 16 19.53 -38.01 -3.14
N ILE A 17 20.65 -37.57 -2.61
CA ILE A 17 21.72 -37.00 -3.39
C ILE A 17 23.04 -37.67 -3.06
N VAL A 18 23.79 -38.06 -4.09
CA VAL A 18 25.06 -38.69 -3.96
C VAL A 18 26.14 -37.64 -4.26
N PHE A 19 27.02 -37.45 -3.29
CA PHE A 19 28.09 -36.47 -3.35
C PHE A 19 29.48 -37.09 -3.46
N ASP A 20 30.42 -36.31 -3.97
CA ASP A 20 31.77 -36.80 -4.01
C ASP A 20 32.58 -36.00 -3.03
N HIS A 21 33.87 -36.32 -2.96
CA HIS A 21 34.75 -35.79 -1.94
C HIS A 21 34.87 -34.30 -2.01
N SER A 22 34.53 -33.74 -3.16
CA SER A 22 34.60 -32.30 -3.36
C SER A 22 33.33 -31.56 -2.95
N GLY A 23 32.26 -32.29 -2.69
CA GLY A 23 31.02 -31.67 -2.27
C GLY A 23 30.12 -31.46 -3.45
N GLU A 24 30.43 -32.11 -4.57
CA GLU A 24 29.65 -31.93 -5.80
C GLU A 24 28.59 -33.04 -6.00
N ILE A 25 27.49 -32.71 -6.66
CA ILE A 25 26.42 -33.65 -6.89
C ILE A 25 26.78 -34.63 -7.98
N TYR A 26 26.63 -35.91 -7.70
CA TYR A 26 26.92 -36.93 -8.69
C TYR A 26 25.63 -37.46 -9.32
N SER A 27 24.62 -37.74 -8.51
CA SER A 27 23.32 -38.22 -8.99
C SER A 27 22.28 -37.89 -7.92
N THR A 28 20.99 -37.81 -8.32
CA THR A 28 19.90 -37.48 -7.40
C THR A 28 18.63 -38.21 -7.77
N GLY A 29 17.67 -38.17 -6.86
CA GLY A 29 16.34 -38.70 -7.09
C GLY A 29 15.43 -37.99 -6.12
N GLN A 30 14.20 -37.73 -6.52
CA GLN A 30 13.28 -36.98 -5.68
C GLN A 30 11.84 -37.42 -5.90
N LEU A 31 11.06 -37.43 -4.82
CA LEU A 31 9.63 -37.78 -4.87
C LEU A 31 8.80 -36.98 -3.83
N GLU A 32 7.61 -36.55 -4.24
CA GLU A 32 6.69 -35.85 -3.34
C GLU A 32 5.87 -36.82 -2.52
N HIS A 33 5.46 -36.43 -1.32
CA HIS A 33 4.58 -37.26 -0.51
C HIS A 33 3.34 -36.43 -0.21
N ASP A 34 2.24 -37.09 0.09
CA ASP A 34 1.01 -36.36 0.26
C ASP A 34 0.91 -35.49 1.51
N GLN A 35 0.38 -34.30 1.30
CA GLN A 35 0.02 -33.37 2.33
C GLN A 35 -1.47 -33.63 2.63
N ILE A 36 -1.76 -34.15 3.80
CA ILE A 36 -3.10 -34.56 4.13
C ILE A 36 -3.76 -33.60 5.11
N PHE A 37 -4.97 -33.15 4.76
CA PHE A 37 -5.70 -32.18 5.58
C PHE A 37 -7.04 -32.74 6.02
N PRO A 38 -7.04 -33.53 7.08
CA PRO A 38 -8.29 -34.15 7.56
C PRO A 38 -9.32 -33.08 7.92
N ARG A 39 -8.82 -31.90 8.31
CA ARG A 39 -9.63 -30.73 8.61
C ARG A 39 -8.79 -29.44 8.70
N ALA A 40 -9.47 -28.31 8.90
CA ALA A 40 -8.76 -27.02 8.86
C ALA A 40 -7.70 -26.86 9.94
N GLY A 41 -6.50 -26.48 9.53
CA GLY A 41 -5.38 -26.39 10.47
C GLY A 41 -4.64 -27.73 10.67
N TRP A 42 -5.25 -28.85 10.28
CA TRP A 42 -4.57 -30.14 10.44
C TRP A 42 -3.71 -30.43 9.22
N VAL A 43 -2.47 -30.82 9.43
CA VAL A 43 -1.56 -31.11 8.33
C VAL A 43 -0.86 -32.41 8.69
N GLU A 44 -1.03 -33.43 7.87
CA GLU A 44 -0.46 -34.71 8.16
C GLU A 44 0.33 -35.31 7.00
N HIS A 45 1.17 -36.26 7.36
CA HIS A 45 1.93 -37.04 6.38
C HIS A 45 1.70 -38.53 6.70
N ASN A 46 1.67 -39.33 5.64
CA ASN A 46 1.58 -40.78 5.79
C ASN A 46 2.99 -41.31 5.93
N PRO A 47 3.33 -41.87 7.10
CA PRO A 47 4.69 -42.34 7.36
C PRO A 47 5.20 -43.45 6.45
N GLU A 48 4.33 -44.35 6.07
CA GLU A 48 4.72 -45.42 5.15
C GLU A 48 5.09 -44.84 3.79
N GLN A 49 4.28 -43.89 3.29
CA GLN A 49 4.61 -43.26 2.02
C GLN A 49 5.98 -42.61 2.15
N ILE A 50 6.23 -41.95 3.27
CA ILE A 50 7.54 -41.35 3.42
C ILE A 50 8.67 -42.40 3.32
N TRP A 51 8.52 -43.52 4.01
CA TRP A 51 9.54 -44.57 3.97
C TRP A 51 9.72 -45.16 2.56
N ASN A 52 8.60 -45.54 1.94
CA ASN A 52 8.67 -46.15 0.62
C ASN A 52 9.22 -45.18 -0.38
N ASN A 53 8.94 -43.88 -0.20
CA ASN A 53 9.50 -42.84 -1.08
C ASN A 53 11.01 -42.71 -0.87
N VAL A 54 11.40 -42.70 0.40
CA VAL A 54 12.83 -42.62 0.75
C VAL A 54 13.52 -43.87 0.15
N ARG A 55 12.90 -45.01 0.37
CA ARG A 55 13.40 -46.25 -0.19
C ARG A 55 13.60 -46.05 -1.70
N GLU A 56 12.66 -45.38 -2.32
CA GLU A 56 12.74 -45.25 -3.74
C GLU A 56 13.74 -44.23 -4.29
N VAL A 57 13.92 -43.11 -3.62
CA VAL A 57 14.83 -42.13 -4.15
C VAL A 57 16.26 -42.64 -4.08
N VAL A 58 16.57 -43.39 -3.01
CA VAL A 58 17.89 -44.00 -2.88
C VAL A 58 18.18 -44.87 -4.12
N GLY A 59 17.21 -45.70 -4.48
CA GLY A 59 17.36 -46.56 -5.62
C GLY A 59 17.51 -45.73 -6.87
N LEU A 60 16.76 -44.64 -6.89
CA LEU A 60 16.80 -43.78 -8.05
C LEU A 60 18.19 -43.16 -8.17
N ALA A 61 18.70 -42.59 -7.08
CA ALA A 61 19.98 -41.92 -7.16
C ALA A 61 21.12 -42.85 -7.60
N LEU A 62 21.12 -44.07 -7.06
CA LEU A 62 22.16 -45.04 -7.38
C LEU A 62 22.11 -45.40 -8.84
N THR A 63 20.92 -45.76 -9.30
CA THR A 63 20.70 -46.15 -10.68
C THR A 63 21.17 -45.09 -11.64
N ARG A 64 20.79 -43.84 -11.38
CA ARG A 64 21.18 -42.78 -12.29
C ARG A 64 22.68 -42.62 -12.32
N GLY A 65 23.33 -42.72 -11.16
CA GLY A 65 24.76 -42.54 -11.14
C GLY A 65 25.52 -43.83 -11.43
N ASN A 66 24.86 -44.86 -11.97
CA ASN A 66 25.51 -46.16 -12.10
C ASN A 66 26.37 -46.57 -10.91
N LEU A 67 25.78 -46.51 -9.71
CA LEU A 67 26.51 -46.83 -8.53
C LEU A 67 25.93 -48.02 -7.83
N THR A 68 26.75 -48.57 -6.97
CA THR A 68 26.38 -49.71 -6.20
C THR A 68 26.61 -49.29 -4.75
N HIS A 69 26.03 -50.02 -3.80
CA HIS A 69 26.22 -49.67 -2.41
C HIS A 69 27.69 -49.69 -2.09
N GLU A 70 28.45 -50.33 -2.97
CA GLU A 70 29.86 -50.45 -2.72
C GLU A 70 30.54 -49.10 -2.90
N ASP A 71 29.86 -48.17 -3.56
CA ASP A 71 30.40 -46.84 -3.82
C ASP A 71 30.12 -45.80 -2.74
N ILE A 72 29.26 -46.16 -1.81
CA ILE A 72 28.81 -45.29 -0.74
C ILE A 72 29.56 -45.60 0.54
N ALA A 73 30.34 -44.64 1.00
CA ALA A 73 31.08 -44.76 2.25
C ALA A 73 30.20 -44.51 3.47
N ALA A 74 29.16 -43.71 3.30
CA ALA A 74 28.23 -43.42 4.39
C ALA A 74 26.95 -42.74 3.93
N VAL A 75 25.93 -42.88 4.78
CA VAL A 75 24.66 -42.26 4.58
C VAL A 75 24.41 -41.25 5.66
N GLY A 76 23.98 -40.06 5.23
CA GLY A 76 23.64 -38.95 6.12
C GLY A 76 22.15 -38.68 5.96
N ILE A 77 21.50 -38.28 7.04
CA ILE A 77 20.07 -38.01 7.02
C ILE A 77 19.73 -36.63 7.58
N THR A 78 18.88 -35.91 6.86
CA THR A 78 18.37 -34.65 7.32
C THR A 78 16.84 -34.66 7.08
N ASN A 79 16.09 -33.94 7.90
CA ASN A 79 14.63 -34.06 7.85
C ASN A 79 13.91 -32.80 8.27
N GLN A 80 12.68 -32.69 7.81
CA GLN A 80 11.79 -31.62 8.22
C GLN A 80 11.71 -31.76 9.71
N ARG A 81 11.93 -30.66 10.40
CA ARG A 81 11.88 -30.72 11.86
C ARG A 81 10.49 -30.69 12.39
N GLU A 82 10.41 -31.11 13.66
CA GLU A 82 9.21 -31.12 14.50
C GLU A 82 8.09 -32.10 14.17
N THR A 83 7.96 -32.49 12.90
CA THR A 83 6.94 -33.45 12.53
C THR A 83 7.06 -34.67 13.46
N ALA A 84 5.93 -35.11 14.02
CA ALA A 84 5.90 -36.21 15.01
C ALA A 84 5.34 -37.53 14.48
N VAL A 85 6.08 -38.60 14.68
CA VAL A 85 5.67 -39.94 14.28
C VAL A 85 5.63 -40.84 15.52
N VAL A 86 4.54 -41.58 15.67
CA VAL A 86 4.36 -42.53 16.76
C VAL A 86 3.91 -43.86 16.16
N TRP A 87 4.71 -44.90 16.39
CA TRP A 87 4.43 -46.22 15.86
C TRP A 87 4.68 -47.34 16.87
N ASP A 88 4.13 -48.51 16.57
CA ASP A 88 4.27 -49.70 17.42
C ASP A 88 5.60 -50.38 17.14
N LYS A 89 6.34 -50.69 18.20
CA LYS A 89 7.66 -51.28 18.06
C LYS A 89 7.59 -52.74 17.69
N THR A 90 6.44 -53.36 17.91
CA THR A 90 6.31 -54.78 17.59
C THR A 90 5.77 -54.98 16.18
N THR A 91 4.72 -54.26 15.83
CA THR A 91 4.13 -54.41 14.49
C THR A 91 4.79 -53.49 13.48
N GLY A 92 5.43 -52.42 13.98
CA GLY A 92 6.10 -51.45 13.13
C GLY A 92 5.14 -50.48 12.46
N LYS A 93 3.87 -50.70 12.69
CA LYS A 93 2.82 -49.90 12.10
C LYS A 93 2.49 -48.63 12.90
N PRO A 94 2.45 -47.49 12.24
CA PRO A 94 2.14 -46.23 12.93
C PRO A 94 0.75 -46.29 13.53
N VAL A 95 0.54 -45.57 14.62
CA VAL A 95 -0.77 -45.56 15.23
C VAL A 95 -1.62 -44.42 14.72
N TYR A 96 -0.99 -43.51 13.97
CA TYR A 96 -1.68 -42.37 13.41
C TYR A 96 -0.69 -41.81 12.42
N ASN A 97 -1.15 -40.95 11.54
CA ASN A 97 -0.27 -40.29 10.57
C ASN A 97 0.72 -39.41 11.35
N ALA A 98 1.78 -38.99 10.67
CA ALA A 98 2.76 -38.07 11.24
C ALA A 98 2.08 -36.72 11.32
N ILE A 99 2.19 -36.05 12.45
CA ILE A 99 1.61 -34.71 12.58
C ILE A 99 2.70 -33.69 12.23
N VAL A 100 2.49 -32.91 11.16
CA VAL A 100 3.52 -32.03 10.62
C VAL A 100 3.73 -30.80 11.45
N TRP A 101 4.90 -30.20 11.34
CA TRP A 101 5.18 -29.00 12.10
C TRP A 101 4.20 -27.86 11.76
N GLN A 102 3.59 -27.92 10.57
CA GLN A 102 2.61 -26.93 10.12
C GLN A 102 1.24 -27.06 10.77
N ASP A 103 1.01 -28.17 11.48
CA ASP A 103 -0.31 -28.52 12.01
C ASP A 103 -0.59 -27.62 13.20
N THR A 104 -1.82 -27.19 13.40
CA THR A 104 -2.11 -26.34 14.55
C THR A 104 -3.12 -26.93 15.52
N ARG A 105 -3.35 -28.23 15.46
CA ARG A 105 -4.35 -28.82 16.33
C ARG A 105 -3.98 -28.75 17.80
N THR A 106 -2.71 -28.52 18.11
CA THR A 106 -2.26 -28.58 19.51
C THR A 106 -2.28 -27.21 20.24
N GLN A 107 -2.98 -26.24 19.67
CA GLN A 107 -2.99 -24.89 20.23
C GLN A 107 -3.55 -24.88 21.64
N LYS A 108 -4.65 -25.62 21.80
CA LYS A 108 -5.33 -25.78 23.07
C LYS A 108 -4.45 -26.47 24.10
N ILE A 109 -3.85 -27.60 23.72
CA ILE A 109 -2.93 -28.34 24.60
C ILE A 109 -1.77 -27.44 25.04
N VAL A 110 -1.30 -26.66 24.08
CA VAL A 110 -0.19 -25.75 24.32
C VAL A 110 -0.56 -24.66 25.33
N ASP A 111 -1.79 -24.16 25.21
CA ASP A 111 -2.35 -23.16 26.11
C ASP A 111 -2.60 -23.73 27.53
N GLU A 112 -3.01 -25.00 27.63
CA GLU A 112 -3.25 -25.60 28.95
C GLU A 112 -1.92 -25.86 29.62
N LEU A 113 -0.96 -26.30 28.81
CA LEU A 113 0.37 -26.61 29.29
C LEU A 113 1.09 -25.43 29.91
N GLY A 114 0.91 -24.26 29.31
CA GLY A 114 1.61 -23.08 29.77
C GLY A 114 0.89 -22.46 30.94
N GLY A 115 -0.44 -22.46 30.87
CA GLY A 115 -1.28 -21.81 31.86
C GLY A 115 -1.30 -20.32 31.60
N ASP A 116 -2.25 -19.60 32.20
CA ASP A 116 -2.37 -18.15 32.03
C ASP A 116 -1.00 -17.49 31.84
N GLU A 117 -0.67 -17.31 30.58
CA GLU A 117 0.63 -16.83 30.17
C GLU A 117 1.71 -17.84 30.63
N GLY A 118 1.98 -18.80 29.78
CA GLY A 118 2.97 -19.76 30.15
C GLY A 118 3.76 -20.14 28.96
N ALA A 119 3.51 -19.53 27.81
CA ALA A 119 4.26 -19.87 26.60
C ALA A 119 5.75 -20.01 26.93
N GLU A 120 6.27 -19.12 27.78
CA GLU A 120 7.67 -19.13 28.16
C GLU A 120 8.05 -20.13 29.24
N LYS A 121 7.08 -20.87 29.73
CA LYS A 121 7.32 -21.85 30.80
C LYS A 121 8.60 -22.68 30.67
N TYR A 122 8.84 -23.28 29.51
CA TYR A 122 10.00 -24.18 29.39
C TYR A 122 11.18 -23.56 28.68
N LYS A 123 11.05 -22.32 28.23
CA LYS A 123 12.14 -21.75 27.44
C LYS A 123 13.50 -21.83 28.11
N SER A 124 13.60 -21.59 29.41
CA SER A 124 14.91 -21.57 30.04
C SER A 124 15.64 -22.92 29.95
N ILE A 125 14.88 -23.98 29.75
CA ILE A 125 15.49 -25.30 29.72
C ILE A 125 15.66 -25.82 28.30
N VAL A 126 14.60 -25.75 27.51
CA VAL A 126 14.60 -26.37 26.17
C VAL A 126 14.86 -25.37 25.07
N GLY A 127 14.67 -24.09 25.38
CA GLY A 127 14.94 -23.00 24.45
C GLY A 127 13.80 -22.71 23.49
N LEU A 128 12.60 -23.21 23.79
CA LEU A 128 11.47 -23.03 22.88
C LEU A 128 10.24 -22.55 23.63
N PRO A 129 9.46 -21.71 22.99
CA PRO A 129 8.17 -21.33 23.55
C PRO A 129 7.20 -22.46 23.32
N LEU A 130 6.14 -22.48 24.09
CA LEU A 130 5.10 -23.45 23.84
C LEU A 130 4.37 -23.00 22.60
N ALA A 131 4.41 -23.84 21.58
CA ALA A 131 3.78 -23.50 20.31
C ALA A 131 3.24 -24.71 19.56
N THR A 132 2.45 -24.48 18.50
CA THR A 132 1.97 -25.63 17.73
C THR A 132 3.02 -26.35 16.90
N TYR A 133 4.15 -25.72 16.61
CA TYR A 133 5.16 -26.36 15.81
C TYR A 133 5.84 -27.57 16.43
N PHE A 134 6.08 -27.55 17.75
CA PHE A 134 6.97 -28.50 18.39
C PHE A 134 6.33 -29.85 18.76
N SER A 135 7.16 -30.88 18.79
CA SER A 135 6.69 -32.26 18.88
C SER A 135 5.91 -32.69 20.13
N GLY A 136 6.46 -32.40 21.31
CA GLY A 136 5.88 -32.77 22.57
C GLY A 136 4.37 -32.73 22.62
N PRO A 137 3.79 -31.55 22.50
CA PRO A 137 2.34 -31.40 22.55
C PRO A 137 1.61 -32.27 21.51
N LYS A 138 2.29 -32.55 20.41
CA LYS A 138 1.72 -33.40 19.35
C LYS A 138 1.65 -34.86 19.80
N ILE A 139 2.65 -35.29 20.54
CA ILE A 139 2.67 -36.65 21.03
C ILE A 139 1.55 -36.74 22.07
N LYS A 140 1.42 -35.72 22.89
CA LYS A 140 0.36 -35.70 23.89
C LYS A 140 -1.01 -35.82 23.23
N TRP A 141 -1.19 -35.13 22.09
CA TRP A 141 -2.44 -35.20 21.36
C TRP A 141 -2.74 -36.61 20.87
N ILE A 142 -1.71 -37.32 20.43
CA ILE A 142 -1.85 -38.65 19.94
C ILE A 142 -2.23 -39.64 21.05
N LEU A 143 -1.67 -39.44 22.24
CA LEU A 143 -1.98 -40.25 23.42
C LEU A 143 -3.36 -39.93 24.06
N ASP A 144 -3.91 -38.73 23.83
CA ASP A 144 -5.21 -38.38 24.41
C ASP A 144 -6.32 -38.67 23.42
N ASN A 145 -5.95 -38.90 22.16
CA ASN A 145 -6.95 -39.04 21.11
C ASN A 145 -7.03 -40.43 20.50
N VAL A 146 -5.91 -41.13 20.46
CA VAL A 146 -5.96 -42.43 19.83
C VAL A 146 -6.26 -43.53 20.85
N GLU A 147 -7.20 -44.40 20.46
CA GLU A 147 -7.63 -45.52 21.26
C GLU A 147 -6.51 -46.47 21.60
N GLY A 148 -6.24 -46.65 22.89
CA GLY A 148 -5.22 -47.59 23.32
C GLY A 148 -3.79 -47.11 23.35
N ALA A 149 -3.47 -46.06 22.58
CA ALA A 149 -2.09 -45.59 22.45
C ALA A 149 -1.39 -45.39 23.79
N ARG A 150 -2.04 -44.68 24.70
CA ARG A 150 -1.44 -44.38 25.98
C ARG A 150 -1.11 -45.62 26.79
N GLU A 151 -2.03 -46.60 26.82
CA GLU A 151 -1.74 -47.82 27.58
C GLU A 151 -0.54 -48.53 26.99
N LYS A 152 -0.51 -48.67 25.67
CA LYS A 152 0.65 -49.33 25.04
C LYS A 152 1.94 -48.52 25.19
N ALA A 153 1.82 -47.21 25.31
CA ALA A 153 3.03 -46.42 25.54
C ALA A 153 3.51 -46.68 26.96
N GLU A 154 2.56 -46.88 27.85
CA GLU A 154 2.81 -47.19 29.24
C GLU A 154 3.61 -48.50 29.27
N LYS A 155 3.17 -49.49 28.48
CA LYS A 155 3.81 -50.80 28.42
C LYS A 155 5.22 -50.72 27.83
N GLY A 156 5.45 -49.73 26.98
CA GLY A 156 6.75 -49.57 26.37
C GLY A 156 6.66 -50.11 24.97
N ASP A 157 5.44 -50.18 24.43
CA ASP A 157 5.33 -50.73 23.07
C ASP A 157 5.38 -49.69 21.94
N LEU A 158 5.27 -48.42 22.31
CA LEU A 158 5.25 -47.33 21.33
C LEU A 158 6.56 -46.52 21.23
N LEU A 159 6.91 -46.18 20.00
CA LEU A 159 8.10 -45.36 19.77
C LEU A 159 7.70 -44.02 19.19
N PHE A 160 8.30 -42.95 19.68
CA PHE A 160 8.15 -41.64 19.06
C PHE A 160 9.40 -41.36 18.25
N GLY A 161 9.28 -40.55 17.19
CA GLY A 161 10.44 -40.10 16.46
C GLY A 161 10.15 -38.95 15.52
N ASN A 162 11.06 -37.99 15.44
CA ASN A 162 11.05 -37.06 14.32
C ASN A 162 11.32 -37.94 13.08
N THR A 163 11.20 -37.42 11.85
CA THR A 163 11.32 -38.34 10.71
C THR A 163 12.77 -38.76 10.50
N ASP A 164 13.70 -38.14 11.21
CA ASP A 164 15.07 -38.59 11.10
C ASP A 164 15.13 -39.98 11.72
N THR A 165 14.49 -40.09 12.88
CA THR A 165 14.40 -41.29 13.68
C THR A 165 13.53 -42.34 12.97
N TRP A 166 12.44 -41.88 12.36
CA TRP A 166 11.60 -42.82 11.64
C TRP A 166 12.35 -43.45 10.46
N VAL A 167 13.06 -42.62 9.71
CA VAL A 167 13.80 -43.10 8.58
C VAL A 167 14.95 -43.99 9.04
N LEU A 168 15.63 -43.60 10.11
CA LEU A 168 16.74 -44.39 10.62
C LEU A 168 16.26 -45.78 11.10
N TRP A 169 15.13 -45.84 11.78
CA TRP A 169 14.58 -47.08 12.32
C TRP A 169 14.29 -48.07 11.17
N ASN A 170 13.61 -47.59 10.13
CA ASN A 170 13.33 -48.41 8.96
C ASN A 170 14.60 -48.82 8.20
N MET A 171 15.59 -47.93 8.12
CA MET A 171 16.80 -48.26 7.39
C MET A 171 17.66 -49.28 8.13
N THR A 172 17.40 -49.51 9.40
CA THR A 172 18.22 -50.48 10.09
C THR A 172 17.51 -51.81 10.30
N GLY A 173 16.36 -52.00 9.66
CA GLY A 173 15.62 -53.27 9.75
C GLY A 173 14.21 -53.23 10.35
N GLY A 174 13.80 -52.06 10.85
CA GLY A 174 12.47 -51.95 11.43
C GLY A 174 12.26 -52.90 12.61
N THR A 175 11.22 -53.74 12.51
CA THR A 175 10.90 -54.72 13.56
C THR A 175 12.02 -55.77 13.69
N GLU A 176 13.00 -55.71 12.81
CA GLU A 176 14.13 -56.60 12.89
C GLU A 176 15.46 -55.86 13.00
N GLY A 177 15.82 -55.39 14.19
CA GLY A 177 17.11 -54.73 14.35
C GLY A 177 17.15 -53.23 14.30
N GLY A 178 15.98 -52.63 14.07
CA GLY A 178 15.85 -51.19 13.97
C GLY A 178 16.39 -50.47 15.18
N VAL A 179 17.22 -49.47 14.92
CA VAL A 179 17.77 -48.64 15.99
C VAL A 179 16.86 -47.43 16.21
N HIS A 180 16.48 -47.15 17.45
CA HIS A 180 15.61 -46.02 17.79
C HIS A 180 16.46 -44.88 18.32
N VAL A 181 16.93 -44.00 17.43
CA VAL A 181 17.86 -42.93 17.82
C VAL A 181 17.58 -41.59 17.12
N THR A 182 17.98 -40.48 17.74
CA THR A 182 17.84 -39.17 17.14
C THR A 182 19.11 -38.44 17.49
N ASP A 183 19.37 -37.27 16.90
CA ASP A 183 20.56 -36.54 17.28
C ASP A 183 20.14 -35.41 18.19
N VAL A 184 21.12 -34.61 18.64
CA VAL A 184 20.82 -33.48 19.50
C VAL A 184 20.04 -32.34 18.83
N THR A 185 20.30 -32.06 17.55
CA THR A 185 19.58 -30.97 16.87
C THR A 185 18.09 -31.27 16.80
N ASN A 186 17.73 -32.47 16.42
CA ASN A 186 16.33 -32.82 16.29
C ASN A 186 15.67 -32.94 17.68
N ALA A 187 16.38 -33.50 18.64
CA ALA A 187 15.82 -33.59 19.96
C ALA A 187 15.56 -32.23 20.56
N SER A 188 16.37 -31.23 20.17
CA SER A 188 16.17 -29.86 20.69
C SER A 188 14.90 -29.19 20.14
N ARG A 189 14.25 -29.85 19.22
CA ARG A 189 13.02 -29.29 18.65
C ARG A 189 11.76 -29.93 19.21
N THR A 190 11.90 -30.78 20.22
CA THR A 190 10.71 -31.48 20.76
C THR A 190 10.14 -30.85 22.03
N MET A 191 10.94 -30.02 22.68
CA MET A 191 10.56 -29.42 23.97
C MET A 191 10.89 -30.32 25.14
N LEU A 192 11.50 -31.47 24.89
CA LEU A 192 11.75 -32.43 25.96
C LEU A 192 13.22 -32.47 26.35
N MET A 193 14.07 -31.83 25.55
CA MET A 193 15.50 -31.89 25.85
C MET A 193 16.12 -30.68 26.56
N ASP A 194 16.81 -30.95 27.65
CA ASP A 194 17.51 -29.93 28.42
C ASP A 194 18.68 -29.49 27.55
N LEU A 195 18.75 -28.19 27.26
CA LEU A 195 19.82 -27.69 26.42
C LEU A 195 21.22 -27.91 27.02
N ASP A 196 21.33 -27.89 28.35
CA ASP A 196 22.67 -28.07 28.95
C ASP A 196 23.14 -29.52 28.98
N THR A 197 22.33 -30.42 29.54
CA THR A 197 22.72 -31.83 29.62
C THR A 197 22.53 -32.62 28.31
N LEU A 198 21.81 -32.04 27.36
CA LEU A 198 21.48 -32.80 26.17
C LEU A 198 20.82 -34.14 26.51
N SER A 199 19.88 -34.12 27.44
CA SER A 199 19.12 -35.31 27.83
C SER A 199 17.64 -35.05 28.03
N TRP A 200 16.86 -36.09 27.88
CA TRP A 200 15.43 -35.96 28.03
C TRP A 200 15.12 -35.51 29.45
N ARG A 201 14.15 -34.61 29.62
CA ARG A 201 13.73 -34.17 30.95
C ARG A 201 12.42 -34.85 31.42
N GLU A 202 12.58 -35.67 32.47
CA GLU A 202 11.51 -36.45 33.07
C GLU A 202 10.34 -35.58 33.49
N ASP A 203 10.63 -34.43 34.07
CA ASP A 203 9.55 -33.54 34.54
C ASP A 203 8.72 -32.94 33.40
N ILE A 204 9.38 -32.58 32.32
CA ILE A 204 8.64 -32.01 31.20
C ILE A 204 7.88 -33.14 30.55
N ALA A 205 8.50 -34.30 30.50
CA ALA A 205 7.86 -35.46 29.87
C ALA A 205 6.59 -35.84 30.66
N ALA A 206 6.70 -35.86 31.99
CA ALA A 206 5.55 -36.16 32.86
C ALA A 206 4.49 -35.09 32.66
N ASP A 207 4.92 -33.83 32.60
CA ASP A 207 3.98 -32.74 32.45
C ASP A 207 3.14 -32.95 31.20
N MET A 208 3.71 -33.59 30.19
CA MET A 208 3.00 -33.73 28.92
C MET A 208 2.38 -35.11 28.81
N GLY A 209 2.50 -35.89 29.87
CA GLY A 209 1.95 -37.22 29.86
C GLY A 209 2.62 -38.10 28.86
N ILE A 210 3.95 -38.05 28.80
CA ILE A 210 4.67 -38.86 27.84
C ILE A 210 5.59 -39.85 28.53
N PRO A 211 5.34 -41.15 28.39
CA PRO A 211 6.19 -42.17 29.03
C PRO A 211 7.59 -42.08 28.44
N LEU A 212 8.65 -42.25 29.23
CA LEU A 212 10.02 -42.08 28.77
C LEU A 212 10.44 -43.13 27.78
N SER A 213 9.74 -44.25 27.83
CA SER A 213 10.04 -45.39 26.98
C SER A 213 9.81 -45.08 25.51
N MET A 214 8.96 -44.11 25.18
CA MET A 214 8.73 -43.79 23.76
C MET A 214 9.89 -43.01 23.14
N LEU A 215 10.74 -42.42 23.95
CA LEU A 215 11.78 -41.51 23.46
C LEU A 215 13.06 -42.18 22.96
N PRO A 216 13.57 -41.78 21.81
CA PRO A 216 14.78 -42.41 21.26
C PRO A 216 16.06 -41.94 21.99
N ASP A 217 17.15 -42.69 21.81
CA ASP A 217 18.44 -42.39 22.44
C ASP A 217 19.02 -41.17 21.72
N ILE A 218 19.28 -40.11 22.47
CA ILE A 218 19.91 -38.94 21.90
C ILE A 218 21.40 -39.16 21.66
N ARG A 219 21.86 -38.95 20.43
CA ARG A 219 23.27 -39.10 20.14
C ARG A 219 23.76 -37.87 19.40
N SER A 220 25.03 -37.85 19.04
CA SER A 220 25.52 -36.70 18.29
C SER A 220 24.99 -36.76 16.88
N SER A 221 25.35 -35.75 16.10
CA SER A 221 24.98 -35.58 14.71
C SER A 221 25.93 -36.27 13.73
N SER A 222 26.99 -36.88 14.23
CA SER A 222 28.04 -37.50 13.42
C SER A 222 28.71 -38.64 14.16
N GLU A 223 28.32 -39.86 13.83
CA GLU A 223 28.83 -41.09 14.40
C GLU A 223 28.02 -42.19 13.77
N VAL A 224 28.54 -43.41 13.80
CA VAL A 224 27.82 -44.54 13.18
C VAL A 224 26.66 -45.00 14.05
N TYR A 225 25.43 -44.66 13.69
CA TYR A 225 24.28 -45.10 14.46
C TYR A 225 23.97 -46.55 14.18
N GLY A 226 24.29 -47.01 12.97
CA GLY A 226 23.99 -48.35 12.53
C GLY A 226 24.39 -48.57 11.08
N HIS A 227 23.89 -49.65 10.49
CA HIS A 227 24.22 -50.01 9.14
C HIS A 227 22.98 -50.37 8.32
N GLY A 228 23.05 -50.09 7.02
CA GLY A 228 21.95 -50.41 6.13
C GLY A 228 21.50 -51.86 6.27
N ARG A 229 20.21 -52.08 6.47
CA ARG A 229 19.62 -53.43 6.54
C ARG A 229 20.13 -54.32 5.40
N PRO A 230 20.29 -55.59 5.73
CA PRO A 230 20.94 -56.57 4.83
C PRO A 230 20.23 -56.73 3.51
N ARG A 231 18.91 -56.72 3.51
CA ARG A 231 18.21 -56.87 2.24
C ARG A 231 17.73 -55.59 1.60
N GLY A 232 18.39 -54.46 1.86
CA GLY A 232 17.97 -53.18 1.33
C GLY A 232 18.90 -52.79 0.19
N LEU A 233 18.85 -51.53 -0.25
CA LEU A 233 19.71 -51.04 -1.34
C LEU A 233 21.12 -50.64 -0.85
N VAL A 234 21.27 -50.42 0.45
CA VAL A 234 22.55 -50.00 1.00
C VAL A 234 22.99 -50.99 2.11
N PRO A 235 23.05 -52.26 1.75
CA PRO A 235 23.40 -53.34 2.69
C PRO A 235 24.78 -53.14 3.37
N GLY A 236 24.84 -53.13 4.68
CA GLY A 236 26.10 -52.94 5.39
C GLY A 236 26.62 -51.51 5.54
N VAL A 237 26.10 -50.59 4.73
CA VAL A 237 26.61 -49.22 4.65
C VAL A 237 26.32 -48.49 5.94
N PRO A 238 27.36 -47.84 6.49
CA PRO A 238 27.19 -47.07 7.71
C PRO A 238 26.22 -45.90 7.55
N ILE A 239 25.32 -45.74 8.50
CA ILE A 239 24.43 -44.60 8.49
C ILE A 239 24.96 -43.78 9.64
N ALA A 240 25.68 -42.71 9.32
CA ALA A 240 26.47 -42.04 10.35
C ALA A 240 26.32 -40.53 10.48
N GLY A 241 25.15 -40.01 10.15
CA GLY A 241 24.95 -38.57 10.25
C GLY A 241 23.48 -38.22 10.26
N ILE A 242 23.11 -37.33 11.16
CA ILE A 242 21.75 -36.82 11.24
C ILE A 242 21.75 -35.37 11.72
N LEU A 243 21.06 -34.47 11.00
CA LEU A 243 20.94 -33.10 11.46
C LEU A 243 19.56 -32.58 11.08
N GLY A 244 18.90 -31.88 11.99
CA GLY A 244 17.65 -31.24 11.62
C GLY A 244 17.89 -30.41 10.36
N ASP A 245 16.90 -30.34 9.46
CA ASP A 245 17.08 -29.60 8.17
C ASP A 245 17.79 -28.23 8.21
N GLN A 246 17.35 -27.31 9.07
CA GLN A 246 17.98 -25.99 9.11
C GLN A 246 19.41 -26.07 9.65
N GLN A 247 19.63 -26.86 10.69
CA GLN A 247 21.00 -27.10 11.15
C GLN A 247 21.89 -27.74 10.04
N ALA A 248 21.32 -28.63 9.24
CA ALA A 248 22.09 -29.25 8.16
C ALA A 248 22.49 -28.20 7.09
N ALA A 249 21.54 -27.35 6.71
CA ALA A 249 21.89 -26.35 5.71
C ALA A 249 22.97 -25.46 6.32
N THR A 250 22.87 -25.19 7.61
CA THR A 250 23.88 -24.39 8.23
C THR A 250 25.22 -25.09 8.17
N PHE A 251 25.16 -26.42 8.39
CA PHE A 251 26.38 -27.22 8.38
C PHE A 251 26.94 -27.35 6.96
N GLY A 252 26.06 -27.44 5.97
CA GLY A 252 26.49 -27.52 4.59
C GLY A 252 27.04 -26.18 4.08
N GLN A 253 26.76 -25.09 4.79
CA GLN A 253 27.33 -23.81 4.41
C GLN A 253 28.69 -23.61 5.08
N ALA A 254 29.08 -24.55 5.94
CA ALA A 254 30.34 -24.49 6.70
C ALA A 254 30.34 -23.35 7.67
N CYS A 255 29.21 -23.13 8.35
CA CYS A 255 29.16 -22.11 9.36
C CYS A 255 29.63 -22.78 10.62
N PHE A 256 30.93 -23.05 10.67
CA PHE A 256 31.57 -23.67 11.82
C PHE A 256 32.11 -22.68 12.88
N GLU A 257 32.23 -21.41 12.52
CA GLU A 257 32.79 -20.49 13.51
C GLU A 257 31.83 -19.55 14.19
N VAL A 258 32.17 -19.13 15.40
CA VAL A 258 31.31 -18.22 16.13
C VAL A 258 31.13 -16.93 15.30
N GLY A 259 29.87 -16.48 15.15
CA GLY A 259 29.57 -15.30 14.36
C GLY A 259 29.10 -15.62 12.94
N GLN A 260 29.45 -16.80 12.42
CA GLN A 260 28.92 -17.17 11.11
C GLN A 260 27.43 -17.56 11.21
N ALA A 261 26.64 -17.10 10.24
CA ALA A 261 25.22 -17.45 10.24
C ALA A 261 24.76 -17.80 8.82
N LYS A 262 23.66 -18.52 8.78
CA LYS A 262 23.05 -18.90 7.51
C LYS A 262 21.62 -18.38 7.45
N ASN A 263 21.30 -17.74 6.34
CA ASN A 263 20.00 -17.20 6.11
C ASN A 263 19.42 -17.90 4.88
N THR A 264 18.30 -18.60 5.03
CA THR A 264 17.66 -19.32 3.94
C THR A 264 16.46 -18.51 3.45
N TYR A 265 16.45 -18.22 2.13
CA TYR A 265 15.40 -17.44 1.45
C TYR A 265 14.31 -18.27 0.72
N GLY A 266 13.08 -18.25 1.27
CA GLY A 266 11.97 -18.92 0.61
C GLY A 266 10.68 -18.11 0.74
N THR A 267 9.56 -18.77 0.93
CA THR A 267 8.35 -17.99 1.05
C THR A 267 8.52 -17.18 2.32
N GLY A 268 9.22 -17.80 3.29
CA GLY A 268 9.60 -17.18 4.53
C GLY A 268 11.11 -17.38 4.65
N ASN A 269 11.72 -16.95 5.75
CA ASN A 269 13.17 -17.08 5.89
C ASN A 269 13.45 -17.68 7.24
N PHE A 270 14.56 -18.45 7.30
CA PHE A 270 15.07 -18.99 8.53
C PHE A 270 16.53 -18.58 8.63
N LEU A 271 16.93 -18.13 9.82
CA LEU A 271 18.27 -17.64 10.06
C LEU A 271 18.84 -18.28 11.34
N LEU A 272 19.99 -18.93 11.25
CA LEU A 272 20.64 -19.52 12.42
C LEU A 272 22.05 -18.95 12.55
N LEU A 273 22.42 -18.57 13.77
CA LEU A 273 23.73 -18.02 14.06
C LEU A 273 24.50 -18.94 14.99
N ASN A 274 25.73 -19.26 14.60
CA ASN A 274 26.61 -20.13 15.35
C ASN A 274 27.09 -19.31 16.54
N THR A 275 26.77 -19.74 17.75
CA THR A 275 27.25 -19.03 18.92
C THR A 275 28.30 -19.88 19.65
N GLY A 276 28.91 -20.84 18.94
CA GLY A 276 29.91 -21.70 19.55
C GLY A 276 29.41 -22.65 20.65
N THR A 277 30.28 -22.96 21.60
CA THR A 277 29.94 -23.85 22.69
C THR A 277 29.15 -23.13 23.76
N GLU A 278 29.04 -21.81 23.63
CA GLU A 278 28.27 -21.03 24.58
C GLU A 278 26.81 -21.02 24.16
N LYS A 279 25.94 -21.38 25.10
CA LYS A 279 24.52 -21.38 24.86
C LYS A 279 23.94 -20.01 25.15
N VAL A 280 23.30 -19.37 24.17
CA VAL A 280 22.71 -18.04 24.40
C VAL A 280 21.19 -18.06 24.51
N MET A 281 20.67 -17.55 25.63
CA MET A 281 19.23 -17.43 25.81
C MET A 281 18.80 -16.06 25.31
N SER A 282 17.80 -16.02 24.43
CA SER A 282 17.32 -14.76 23.81
C SER A 282 16.51 -13.85 24.72
N LYS A 283 16.62 -12.54 24.53
CA LYS A 283 15.72 -11.65 25.28
C LYS A 283 14.74 -11.02 24.29
N ASN A 284 14.85 -11.45 23.03
CA ASN A 284 14.05 -10.88 21.97
C ASN A 284 13.03 -11.88 21.44
N GLY A 285 12.87 -12.97 22.16
CA GLY A 285 11.92 -13.97 21.69
C GLY A 285 12.47 -14.92 20.66
N LEU A 286 13.78 -14.91 20.43
CA LEU A 286 14.36 -15.84 19.45
C LEU A 286 14.50 -17.26 19.99
N LEU A 287 14.72 -18.27 19.14
CA LEU A 287 14.95 -19.62 19.66
C LEU A 287 16.40 -19.88 20.01
N THR A 288 16.63 -20.68 21.07
CA THR A 288 17.95 -21.23 21.36
C THR A 288 17.91 -22.68 20.96
N THR A 289 18.95 -23.16 20.28
CA THR A 289 18.88 -24.53 19.82
C THR A 289 20.28 -25.07 19.62
N VAL A 290 20.38 -26.36 19.34
CA VAL A 290 21.70 -26.93 19.07
C VAL A 290 22.05 -26.84 17.58
N CYS A 291 23.24 -26.34 17.22
CA CYS A 291 23.58 -26.25 15.79
C CYS A 291 24.00 -27.59 15.25
N TYR A 292 24.79 -28.30 16.05
CA TYR A 292 25.30 -29.60 15.69
C TYR A 292 26.18 -30.11 16.83
N LYS A 293 26.48 -31.38 16.76
CA LYS A 293 27.41 -31.99 17.65
C LYS A 293 28.10 -33.11 16.92
N ILE A 294 29.41 -32.96 16.75
CA ILE A 294 30.20 -33.94 16.03
C ILE A 294 30.88 -34.94 16.96
N GLY A 295 30.26 -36.11 17.11
CA GLY A 295 30.81 -37.15 17.98
C GLY A 295 31.01 -36.68 19.41
N ASP A 296 32.22 -36.90 19.90
CA ASP A 296 32.59 -36.58 21.27
C ASP A 296 32.93 -35.11 21.48
N ALA A 297 33.08 -34.36 20.41
CA ALA A 297 33.35 -32.95 20.59
C ALA A 297 32.16 -32.24 21.21
N PRO A 298 32.43 -31.15 21.86
CA PRO A 298 31.38 -30.37 22.52
C PRO A 298 30.33 -29.89 21.49
N ALA A 299 29.07 -29.85 21.94
CA ALA A 299 27.97 -29.34 21.14
C ALA A 299 28.22 -27.90 20.74
N VAL A 300 27.77 -27.53 19.55
CA VAL A 300 27.86 -26.13 19.17
C VAL A 300 26.41 -25.67 19.15
N TYR A 301 26.13 -24.54 19.78
CA TYR A 301 24.79 -23.97 19.89
C TYR A 301 24.46 -22.89 18.86
N ALA A 302 23.18 -22.55 18.78
CA ALA A 302 22.78 -21.50 17.86
C ALA A 302 21.61 -20.69 18.34
N LEU A 303 21.50 -19.48 17.78
CA LEU A 303 20.27 -18.71 17.89
C LEU A 303 19.53 -18.90 16.56
N GLU A 304 18.21 -19.10 16.64
CA GLU A 304 17.39 -19.27 15.44
C GLU A 304 16.26 -18.29 15.44
N GLY A 305 16.12 -17.58 14.33
CA GLY A 305 15.03 -16.65 14.09
C GLY A 305 14.32 -17.04 12.80
N SER A 306 13.03 -16.68 12.70
CA SER A 306 12.28 -16.91 11.48
C SER A 306 11.50 -15.68 11.07
N ILE A 307 11.28 -15.52 9.77
CA ILE A 307 10.56 -14.36 9.21
C ILE A 307 9.43 -14.94 8.37
N ALA A 308 8.20 -14.58 8.73
CA ALA A 308 7.03 -15.22 8.13
C ALA A 308 6.84 -14.93 6.65
N VAL A 309 7.05 -13.68 6.27
CA VAL A 309 6.79 -13.25 4.89
C VAL A 309 7.97 -12.55 4.24
N THR A 310 8.65 -13.27 3.35
CA THR A 310 9.72 -12.69 2.57
C THR A 310 9.41 -12.90 1.11
N GLY A 311 9.81 -14.06 0.59
CA GLY A 311 9.58 -14.32 -0.82
C GLY A 311 8.09 -14.34 -1.12
N SER A 312 7.25 -14.60 -0.13
CA SER A 312 5.83 -14.64 -0.47
C SER A 312 5.19 -13.24 -0.74
N LEU A 313 5.91 -12.17 -0.40
CA LEU A 313 5.42 -10.81 -0.64
C LEU A 313 5.18 -10.55 -2.11
N VAL A 314 6.23 -10.70 -2.91
CA VAL A 314 6.15 -10.50 -4.33
C VAL A 314 5.14 -11.47 -4.95
N GLN A 315 5.09 -12.69 -4.44
CA GLN A 315 4.12 -13.68 -4.95
C GLN A 315 2.68 -13.25 -4.70
N TRP A 316 2.46 -12.59 -3.58
CA TRP A 316 1.13 -12.03 -3.28
C TRP A 316 0.82 -10.83 -4.20
N LEU A 317 1.81 -10.00 -4.46
CA LEU A 317 1.56 -8.84 -5.37
C LEU A 317 1.07 -9.36 -6.73
N ARG A 318 1.54 -10.54 -7.11
CA ARG A 318 1.19 -11.11 -8.43
C ARG A 318 -0.17 -11.81 -8.43
N ASP A 319 -0.31 -12.78 -7.54
CA ASP A 319 -1.50 -13.59 -7.54
C ASP A 319 -2.70 -12.85 -6.92
N ASN A 320 -2.45 -11.92 -6.00
CA ASN A 320 -3.59 -11.23 -5.39
C ASN A 320 -3.88 -9.85 -5.97
N LEU A 321 -2.85 -9.07 -6.27
CA LEU A 321 -3.12 -7.76 -6.83
C LEU A 321 -3.03 -7.75 -8.40
N GLY A 322 -2.52 -8.81 -9.00
CA GLY A 322 -2.39 -8.86 -10.45
C GLY A 322 -1.23 -8.04 -10.97
N MET A 323 -0.24 -7.78 -10.12
CA MET A 323 0.91 -7.01 -10.58
C MET A 323 1.97 -7.87 -11.23
N PHE A 324 2.80 -7.25 -12.05
CA PHE A 324 3.91 -7.94 -12.64
C PHE A 324 3.49 -9.14 -13.51
N GLU A 325 2.22 -9.20 -13.92
CA GLU A 325 1.73 -10.36 -14.66
C GLU A 325 2.60 -10.61 -15.91
N ASP A 326 3.20 -9.53 -16.40
CA ASP A 326 4.11 -9.57 -17.54
C ASP A 326 5.52 -10.01 -17.15
N ALA A 327 6.01 -9.71 -15.97
CA ALA A 327 7.38 -10.13 -15.69
C ALA A 327 7.56 -11.20 -14.62
N PRO A 328 8.09 -12.34 -15.02
CA PRO A 328 8.39 -13.45 -14.10
C PRO A 328 9.36 -13.08 -12.98
N ASP A 329 10.57 -12.65 -13.34
CA ASP A 329 11.52 -12.25 -12.31
C ASP A 329 11.44 -10.76 -12.10
N VAL A 330 11.00 -10.39 -10.91
CA VAL A 330 10.80 -9.02 -10.53
C VAL A 330 12.10 -8.18 -10.47
N GLU A 331 13.23 -8.87 -10.31
CA GLU A 331 14.52 -8.21 -10.14
C GLU A 331 14.83 -7.24 -11.27
N TRP A 332 14.38 -7.63 -12.45
CA TRP A 332 14.61 -6.87 -13.65
C TRP A 332 13.73 -5.62 -13.71
N LEU A 333 12.61 -5.58 -12.98
CA LEU A 333 11.83 -4.35 -12.83
C LEU A 333 12.48 -3.43 -11.79
N ALA A 334 12.88 -4.00 -10.66
CA ALA A 334 13.50 -3.21 -9.60
C ALA A 334 14.80 -2.56 -10.06
N GLY A 335 15.47 -3.18 -11.03
CA GLY A 335 16.72 -2.68 -11.55
C GLY A 335 16.55 -1.49 -12.49
N LYS A 336 15.32 -1.20 -12.93
CA LYS A 336 15.05 -0.08 -13.78
C LYS A 336 14.95 1.22 -13.00
N VAL A 337 15.06 1.12 -11.69
CA VAL A 337 15.06 2.33 -10.91
C VAL A 337 16.25 2.30 -10.00
N GLN A 338 16.59 3.46 -9.52
CA GLN A 338 17.80 3.58 -8.73
C GLN A 338 17.59 3.40 -7.25
N ASP A 339 16.31 3.48 -6.81
CA ASP A 339 15.85 3.63 -5.42
C ASP A 339 14.56 2.89 -5.20
N ASN A 340 14.09 2.91 -3.95
CA ASN A 340 12.73 2.46 -3.56
C ASN A 340 11.75 3.63 -3.76
N GLY A 341 12.29 4.77 -4.17
CA GLY A 341 11.44 5.91 -4.53
C GLY A 341 10.66 6.47 -3.37
N GLY A 342 11.17 6.23 -2.15
CA GLY A 342 10.49 6.68 -0.94
C GLY A 342 9.45 5.67 -0.44
N ALA A 343 9.24 4.58 -1.17
CA ALA A 343 8.29 3.53 -0.73
C ALA A 343 8.93 2.52 0.21
N TYR A 344 8.13 2.07 1.18
CA TYR A 344 8.57 1.03 2.12
C TYR A 344 7.44 0.03 2.35
N PHE A 345 7.80 -1.25 2.37
CA PHE A 345 6.86 -2.33 2.61
C PHE A 345 7.01 -2.82 4.04
N VAL A 346 5.90 -2.78 4.77
CA VAL A 346 5.83 -3.29 6.13
C VAL A 346 5.16 -4.62 6.02
N PRO A 347 5.94 -5.67 5.72
CA PRO A 347 5.38 -6.99 5.54
C PRO A 347 4.67 -7.44 6.80
N ALA A 348 3.68 -8.28 6.57
CA ALA A 348 2.89 -8.89 7.66
C ALA A 348 3.79 -9.73 8.59
N PHE A 349 3.65 -9.56 9.91
CA PHE A 349 4.44 -10.23 10.90
C PHE A 349 5.85 -9.70 10.95
N SER A 350 6.06 -8.53 10.36
CA SER A 350 7.36 -7.87 10.34
C SER A 350 7.65 -7.23 11.67
N GLY A 351 6.59 -6.95 12.45
CA GLY A 351 6.73 -6.35 13.78
C GLY A 351 7.15 -7.41 14.80
N LEU A 352 8.30 -7.99 14.53
CA LEU A 352 8.90 -9.06 15.32
C LEU A 352 9.25 -8.64 16.73
N PHE A 353 9.98 -7.55 16.82
CA PHE A 353 10.51 -7.09 18.10
C PHE A 353 9.87 -5.76 18.52
N ALA A 354 10.67 -4.68 18.52
CA ALA A 354 10.21 -3.38 19.01
C ALA A 354 9.13 -2.74 18.17
N PRO A 355 8.35 -1.85 18.81
CA PRO A 355 8.38 -1.64 20.26
C PRO A 355 7.60 -2.68 21.07
N TYR A 356 6.72 -3.45 20.42
CA TYR A 356 5.81 -4.40 21.11
C TYR A 356 6.23 -5.89 21.16
N TRP A 357 6.90 -6.39 20.12
CA TRP A 357 7.31 -7.81 20.04
C TRP A 357 6.09 -8.71 19.82
N ARG A 358 5.08 -8.13 19.18
CA ARG A 358 3.83 -8.82 18.90
C ARG A 358 3.55 -8.82 17.41
N PRO A 359 4.09 -9.78 16.68
CA PRO A 359 3.86 -9.83 15.24
C PRO A 359 2.37 -9.94 14.95
N ASP A 360 1.95 -9.20 13.94
CA ASP A 360 0.55 -9.16 13.50
C ASP A 360 0.45 -9.53 12.00
N ALA A 361 -0.74 -9.97 11.61
CA ALA A 361 -1.04 -10.43 10.25
C ALA A 361 -1.30 -9.27 9.30
N ARG A 362 -1.43 -8.08 9.87
CA ARG A 362 -1.70 -6.88 9.09
C ARG A 362 -0.40 -6.13 8.77
N GLY A 363 -0.22 -5.85 7.48
CA GLY A 363 0.93 -5.15 6.95
C GLY A 363 0.47 -3.88 6.24
N ALA A 364 1.42 -3.17 5.63
CA ALA A 364 1.14 -1.93 4.96
C ALA A 364 2.21 -1.62 3.91
N LEU A 365 1.95 -0.55 3.18
CA LEU A 365 2.85 0.00 2.15
C LEU A 365 2.77 1.52 2.30
N VAL A 366 3.87 2.14 2.71
CA VAL A 366 3.87 3.58 2.99
C VAL A 366 4.83 4.27 2.04
N GLY A 367 4.74 5.60 1.98
CA GLY A 367 5.59 6.40 1.13
C GLY A 367 5.23 6.45 -0.33
N LEU A 368 3.95 6.38 -0.65
CA LEU A 368 3.50 6.45 -2.03
C LEU A 368 3.32 7.91 -2.45
N THR A 369 3.88 8.27 -3.60
CA THR A 369 3.74 9.60 -4.14
C THR A 369 3.44 9.42 -5.61
N ARG A 370 3.19 10.51 -6.30
CA ARG A 370 2.81 10.43 -7.68
C ARG A 370 3.92 9.80 -8.54
N TYR A 371 5.18 9.98 -8.15
CA TYR A 371 6.30 9.51 -8.94
C TYR A 371 6.44 7.98 -8.86
N VAL A 372 6.15 7.42 -7.70
CA VAL A 372 6.24 5.99 -7.48
C VAL A 372 5.52 5.12 -8.52
N ASN A 373 6.23 4.10 -8.99
CA ASN A 373 5.68 3.14 -9.94
C ASN A 373 6.02 1.70 -9.47
N ARG A 374 5.68 0.72 -10.30
CA ARG A 374 5.85 -0.67 -9.91
C ARG A 374 7.29 -1.10 -9.85
N ASN A 375 8.17 -0.32 -10.48
CA ASN A 375 9.59 -0.67 -10.40
C ASN A 375 10.07 -0.36 -8.99
N HIS A 376 9.64 0.80 -8.49
CA HIS A 376 9.91 1.17 -7.10
C HIS A 376 9.34 0.15 -6.12
N ILE A 377 8.10 -0.26 -6.38
CA ILE A 377 7.41 -1.25 -5.56
C ILE A 377 8.17 -2.59 -5.59
N ALA A 378 8.68 -2.98 -6.74
CA ALA A 378 9.48 -4.18 -6.84
C ALA A 378 10.75 -4.05 -6.02
N ARG A 379 11.35 -2.85 -6.10
CA ARG A 379 12.55 -2.56 -5.34
C ARG A 379 12.26 -2.64 -3.82
N ALA A 380 11.17 -1.98 -3.37
CA ALA A 380 10.84 -1.98 -1.93
C ALA A 380 10.44 -3.37 -1.42
N ALA A 381 9.83 -4.14 -2.29
CA ALA A 381 9.47 -5.47 -1.86
C ALA A 381 10.73 -6.27 -1.59
N LEU A 382 11.79 -6.08 -2.38
CA LEU A 382 13.01 -6.87 -2.13
C LEU A 382 13.68 -6.38 -0.88
N GLU A 383 13.75 -5.06 -0.74
CA GLU A 383 14.32 -4.46 0.45
C GLU A 383 13.70 -5.01 1.76
N ALA A 384 12.40 -5.26 1.78
CA ALA A 384 11.77 -5.66 3.04
C ALA A 384 12.25 -7.01 3.49
N THR A 385 12.67 -7.83 2.54
CA THR A 385 13.22 -9.12 2.89
C THR A 385 14.58 -8.93 3.59
N ALA A 386 15.30 -7.89 3.16
CA ALA A 386 16.61 -7.58 3.69
C ALA A 386 16.50 -6.87 5.03
N PHE A 387 15.53 -5.97 5.13
CA PHE A 387 15.32 -5.20 6.35
C PHE A 387 14.90 -6.14 7.50
N GLN A 388 13.99 -7.07 7.22
CA GLN A 388 13.52 -8.03 8.21
C GLN A 388 14.64 -8.91 8.69
N SER A 389 15.49 -9.32 7.75
CA SER A 389 16.67 -10.13 8.06
C SER A 389 17.59 -9.36 9.00
N ARG A 390 17.72 -8.06 8.73
CA ARG A 390 18.59 -7.20 9.54
C ARG A 390 18.05 -7.06 10.96
N GLU A 391 16.75 -6.96 11.09
CA GLU A 391 16.17 -6.78 12.41
C GLU A 391 16.32 -8.09 13.25
N VAL A 392 16.31 -9.23 12.59
CA VAL A 392 16.54 -10.50 13.30
C VAL A 392 18.03 -10.60 13.70
N VAL A 393 18.88 -10.06 12.85
CA VAL A 393 20.31 -10.07 13.12
C VAL A 393 20.64 -9.16 14.31
N ASP A 394 20.02 -7.98 14.35
CA ASP A 394 20.24 -7.04 15.44
C ASP A 394 19.75 -7.59 16.76
N ALA A 395 18.68 -8.41 16.69
CA ALA A 395 18.14 -9.03 17.88
C ALA A 395 19.13 -10.07 18.40
N MET A 396 19.68 -10.83 17.46
CA MET A 396 20.66 -11.87 17.79
C MET A 396 21.92 -11.28 18.42
N ASN A 397 22.37 -10.16 17.85
CA ASN A 397 23.55 -9.47 18.35
C ASN A 397 23.33 -8.89 19.73
N ALA A 398 22.11 -8.43 19.97
CA ALA A 398 21.75 -7.84 21.26
C ALA A 398 21.72 -8.89 22.36
N ASP A 399 21.53 -10.13 21.96
CA ASP A 399 21.39 -11.24 22.91
C ASP A 399 22.72 -11.89 23.26
N SER A 400 23.68 -11.85 22.32
CA SER A 400 24.96 -12.56 22.47
C SER A 400 26.23 -11.72 22.66
N GLY A 401 26.52 -10.80 21.75
CA GLY A 401 27.81 -10.08 21.86
C GLY A 401 28.78 -10.85 20.99
N VAL A 402 28.15 -11.85 20.38
CA VAL A 402 28.68 -12.71 19.35
C VAL A 402 28.06 -12.02 18.17
N ASP A 403 28.81 -11.22 17.46
CA ASP A 403 28.13 -10.52 16.41
C ASP A 403 28.37 -11.15 15.07
N LEU A 404 27.28 -11.33 14.36
CA LEU A 404 27.30 -11.88 13.03
C LEU A 404 28.53 -11.33 12.33
N THR A 405 29.42 -12.23 11.93
CA THR A 405 30.64 -11.86 11.23
C THR A 405 30.46 -11.97 9.73
N GLU A 406 29.53 -12.82 9.33
CA GLU A 406 29.23 -13.02 7.92
C GLU A 406 28.01 -13.93 7.73
N LEU A 407 27.34 -13.71 6.61
CA LEU A 407 26.13 -14.40 6.25
C LEU A 407 26.29 -15.27 5.02
N ARG A 408 25.97 -16.55 5.18
CA ARG A 408 26.00 -17.51 4.09
C ARG A 408 24.55 -17.80 3.74
N VAL A 409 24.25 -17.83 2.45
CA VAL A 409 22.85 -17.87 2.04
C VAL A 409 22.51 -18.98 1.03
N ASP A 410 21.27 -19.46 1.14
CA ASP A 410 20.73 -20.46 0.25
C ASP A 410 19.26 -20.17 0.05
N GLY A 411 18.65 -20.94 -0.85
CA GLY A 411 17.25 -20.71 -1.22
C GLY A 411 17.19 -20.03 -2.59
N GLY A 412 16.06 -20.18 -3.25
CA GLY A 412 15.84 -19.65 -4.59
C GLY A 412 16.28 -18.19 -4.79
N MET A 413 15.98 -17.34 -3.82
CA MET A 413 16.30 -15.89 -3.91
C MET A 413 17.79 -15.51 -3.95
N VAL A 414 18.67 -16.45 -3.64
CA VAL A 414 20.11 -16.15 -3.64
C VAL A 414 20.59 -15.87 -5.05
N ALA A 415 19.70 -16.11 -6.00
CA ALA A 415 19.97 -15.82 -7.41
C ALA A 415 19.64 -14.35 -7.80
N ASN A 416 19.24 -13.52 -6.84
CA ASN A 416 18.90 -12.10 -7.07
C ASN A 416 20.05 -11.17 -6.65
N GLU A 417 20.82 -10.71 -7.62
CA GLU A 417 21.99 -9.88 -7.35
C GLU A 417 21.66 -8.62 -6.57
N LEU A 418 20.56 -7.99 -6.93
CA LEU A 418 20.09 -6.78 -6.27
C LEU A 418 19.80 -7.02 -4.81
N LEU A 419 19.02 -8.05 -4.53
CA LEU A 419 18.69 -8.39 -3.16
C LEU A 419 19.94 -8.75 -2.35
N MET A 420 20.78 -9.59 -2.96
CA MET A 420 21.98 -10.02 -2.28
C MET A 420 22.93 -8.83 -1.98
N GLN A 421 23.13 -7.94 -2.96
CA GLN A 421 24.02 -6.81 -2.67
C GLN A 421 23.40 -5.93 -1.59
N PHE A 422 22.10 -5.71 -1.67
CA PHE A 422 21.44 -4.89 -0.67
C PHE A 422 21.47 -5.55 0.72
N GLN A 423 21.42 -6.87 0.74
CA GLN A 423 21.50 -7.57 2.01
C GLN A 423 22.87 -7.33 2.64
N ALA A 424 23.92 -7.38 1.82
CA ALA A 424 25.28 -7.09 2.32
C ALA A 424 25.39 -5.65 2.79
N ASP A 425 24.84 -4.72 1.99
CA ASP A 425 24.88 -3.32 2.34
C ASP A 425 24.18 -3.11 3.66
N GLN A 426 23.00 -3.71 3.82
CA GLN A 426 22.26 -3.46 5.08
C GLN A 426 22.91 -4.03 6.32
N LEU A 427 23.50 -5.22 6.18
CA LEU A 427 24.12 -5.90 7.32
C LEU A 427 25.52 -5.45 7.63
N GLY A 428 26.24 -4.93 6.62
CA GLY A 428 27.61 -4.48 6.89
C GLY A 428 28.62 -5.62 7.09
N VAL A 429 28.28 -6.81 6.58
CA VAL A 429 29.20 -7.95 6.57
C VAL A 429 29.04 -8.59 5.22
N ASP A 430 29.97 -9.46 4.84
CA ASP A 430 29.90 -10.12 3.53
C ASP A 430 28.74 -11.13 3.49
N VAL A 431 28.22 -11.34 2.30
CA VAL A 431 27.16 -12.28 2.03
C VAL A 431 27.76 -13.27 1.03
N VAL A 432 27.76 -14.55 1.39
CA VAL A 432 28.39 -15.60 0.58
C VAL A 432 27.37 -16.60 0.08
N ARG A 433 27.48 -16.93 -1.19
CA ARG A 433 26.64 -17.87 -1.86
C ARG A 433 27.51 -19.06 -2.29
N PRO A 434 27.16 -20.24 -1.81
CA PRO A 434 27.91 -21.46 -2.09
C PRO A 434 27.71 -21.92 -3.51
N LYS A 435 28.60 -22.79 -3.97
CA LYS A 435 28.60 -23.26 -5.34
C LYS A 435 27.57 -24.35 -5.43
N VAL A 436 27.35 -25.04 -4.31
CA VAL A 436 26.30 -26.04 -4.26
C VAL A 436 25.11 -25.48 -3.52
N ALA A 437 23.95 -25.44 -4.18
CA ALA A 437 22.72 -24.90 -3.61
C ALA A 437 21.97 -25.80 -2.60
N GLU A 438 22.19 -27.10 -2.65
CA GLU A 438 21.48 -27.98 -1.73
C GLU A 438 22.32 -28.10 -0.50
N THR A 439 22.26 -27.06 0.31
CA THR A 439 23.08 -27.01 1.50
C THR A 439 22.53 -27.94 2.54
N THR A 440 21.22 -28.17 2.52
CA THR A 440 20.63 -29.09 3.48
C THR A 440 21.18 -30.54 3.35
N ALA A 441 21.07 -31.06 2.15
CA ALA A 441 21.60 -32.38 1.85
C ALA A 441 23.13 -32.43 2.04
N LEU A 442 23.83 -31.35 1.63
CA LEU A 442 25.29 -31.31 1.77
C LEU A 442 25.75 -31.41 3.23
N GLY A 443 24.99 -30.79 4.13
CA GLY A 443 25.31 -30.85 5.54
C GLY A 443 25.21 -32.25 6.10
N ALA A 444 24.18 -32.97 5.68
CA ALA A 444 23.99 -34.35 6.05
C ALA A 444 25.14 -35.18 5.49
N ALA A 445 25.63 -34.84 4.29
CA ALA A 445 26.72 -35.64 3.77
C ALA A 445 28.01 -35.39 4.55
N TYR A 446 28.31 -34.12 4.79
CA TYR A 446 29.49 -33.77 5.59
C TYR A 446 29.45 -34.43 6.98
N ALA A 447 28.29 -34.38 7.65
CA ALA A 447 28.18 -35.01 8.97
C ALA A 447 28.49 -36.51 8.91
N ALA A 448 27.99 -37.18 7.89
CA ALA A 448 28.21 -38.62 7.80
C ALA A 448 29.61 -38.99 7.31
N GLY A 449 30.14 -38.23 6.35
CA GLY A 449 31.45 -38.52 5.81
C GLY A 449 32.51 -38.27 6.87
N ILE A 450 32.24 -37.33 7.76
CA ILE A 450 33.22 -37.05 8.78
C ILE A 450 33.27 -38.22 9.76
N ALA A 451 32.10 -38.74 10.06
CA ALA A 451 32.01 -39.78 11.07
C ALA A 451 32.75 -41.06 10.67
N VAL A 452 32.88 -41.28 9.38
CA VAL A 452 33.52 -42.49 8.87
C VAL A 452 34.94 -42.21 8.32
N GLY A 453 35.32 -40.92 8.26
CA GLY A 453 36.65 -40.55 7.74
C GLY A 453 36.72 -40.15 6.26
N PHE A 454 35.58 -40.12 5.58
CA PHE A 454 35.58 -39.67 4.19
C PHE A 454 36.12 -38.25 4.21
N TRP A 455 35.75 -37.48 5.21
CA TRP A 455 36.40 -36.18 5.42
C TRP A 455 36.96 -36.28 6.80
N LYS A 456 38.07 -35.61 7.01
CA LYS A 456 38.84 -35.71 8.24
C LYS A 456 38.22 -34.93 9.39
N GLY A 457 37.34 -33.99 9.07
CA GLY A 457 36.76 -33.16 10.11
C GLY A 457 36.33 -31.82 9.58
N GLU A 458 36.10 -30.87 10.47
CA GLU A 458 35.54 -29.58 10.08
C GLU A 458 36.48 -28.74 9.22
N GLN A 459 37.76 -28.70 9.59
CA GLN A 459 38.76 -27.97 8.82
C GLN A 459 38.92 -28.54 7.41
N ASP A 460 38.88 -29.86 7.29
CA ASP A 460 39.02 -30.52 5.98
C ASP A 460 37.83 -30.17 5.07
N VAL A 461 36.67 -29.97 5.68
CA VAL A 461 35.45 -29.65 4.96
C VAL A 461 35.58 -28.24 4.40
N ILE A 462 36.11 -27.35 5.22
CA ILE A 462 36.35 -25.99 4.79
C ILE A 462 37.28 -25.97 3.59
N ASP A 463 38.24 -26.89 3.56
CA ASP A 463 39.20 -26.92 2.48
C ASP A 463 38.50 -27.36 1.20
N ASN A 464 37.49 -28.20 1.35
CA ASN A 464 36.82 -28.63 0.14
C ASN A 464 35.60 -27.82 -0.16
N TRP A 465 35.33 -26.79 0.64
CA TRP A 465 34.12 -25.99 0.46
C TRP A 465 34.25 -24.92 -0.65
N ALA A 466 33.43 -24.99 -1.69
CA ALA A 466 33.55 -23.97 -2.72
C ALA A 466 32.42 -22.94 -2.74
N GLU A 467 32.77 -21.67 -2.89
CA GLU A 467 31.73 -20.65 -2.95
C GLU A 467 31.48 -20.19 -4.38
N ASP A 468 30.25 -19.78 -4.67
CA ASP A 468 29.91 -19.25 -5.98
C ASP A 468 30.47 -17.82 -6.07
N LYS A 469 30.11 -16.98 -5.10
CA LYS A 469 30.58 -15.60 -5.04
C LYS A 469 30.15 -14.98 -3.73
N ARG A 470 30.51 -13.72 -3.53
CA ARG A 470 30.15 -13.01 -2.33
C ARG A 470 29.96 -11.55 -2.65
N TRP A 471 29.12 -10.91 -1.85
CA TRP A 471 28.86 -9.50 -2.01
C TRP A 471 29.37 -8.85 -0.78
N SER A 472 29.98 -7.68 -0.98
CA SER A 472 30.59 -6.95 0.10
C SER A 472 29.89 -5.62 0.25
N PRO A 473 29.74 -5.15 1.48
CA PRO A 473 29.09 -3.86 1.74
C PRO A 473 29.76 -2.75 0.95
N SER A 474 28.98 -1.92 0.27
CA SER A 474 29.54 -0.83 -0.51
C SER A 474 28.67 0.43 -0.46
N MET A 475 27.45 0.32 0.06
CA MET A 475 26.53 1.45 0.11
C MET A 475 27.01 2.57 1.05
N GLU A 476 26.70 3.80 0.66
CA GLU A 476 27.06 4.96 1.48
C GLU A 476 26.49 4.69 2.86
N SER A 477 27.34 4.78 3.88
CA SER A 477 26.95 4.45 5.23
C SER A 477 25.73 5.26 5.70
N GLY A 478 25.71 6.55 5.36
CA GLY A 478 24.57 7.37 5.74
C GLY A 478 23.29 6.90 5.07
N GLU A 479 23.37 6.51 3.83
CA GLU A 479 22.19 6.05 3.14
C GLU A 479 21.74 4.68 3.73
N ARG A 480 22.70 3.91 4.21
CA ARG A 480 22.42 2.60 4.79
C ARG A 480 21.51 2.74 6.01
N GLU A 481 21.80 3.73 6.86
CA GLU A 481 21.01 3.94 8.07
C GLU A 481 19.68 4.65 7.83
N ARG A 482 19.68 5.67 6.99
CA ARG A 482 18.43 6.35 6.62
C ARG A 482 17.33 5.36 6.21
N LEU A 483 17.68 4.43 5.34
CA LEU A 483 16.72 3.48 4.78
C LEU A 483 16.19 2.63 5.93
N TYR A 484 17.11 2.06 6.70
CA TYR A 484 16.78 1.18 7.77
C TYR A 484 15.92 1.87 8.84
N ARG A 485 16.25 3.09 9.23
CA ARG A 485 15.44 3.82 10.20
C ARG A 485 14.03 4.15 9.73
N ASN A 486 13.91 4.65 8.51
CA ASN A 486 12.61 4.97 7.94
C ASN A 486 11.71 3.70 7.93
N TRP A 487 12.34 2.55 7.68
CA TRP A 487 11.64 1.25 7.66
C TRP A 487 11.19 0.83 9.05
N LYS A 488 12.09 0.96 10.03
CA LYS A 488 11.71 0.58 11.39
C LYS A 488 10.63 1.50 11.91
N LYS A 489 10.69 2.76 11.48
CA LYS A 489 9.66 3.72 11.80
C LYS A 489 8.34 3.28 11.15
N ALA A 490 8.40 2.85 9.90
CA ALA A 490 7.18 2.44 9.23
C ALA A 490 6.54 1.27 9.95
N VAL A 491 7.36 0.28 10.32
CA VAL A 491 6.90 -0.86 11.08
C VAL A 491 6.22 -0.41 12.37
N THR A 492 6.84 0.52 13.06
CA THR A 492 6.29 1.02 14.32
C THR A 492 4.95 1.68 14.15
N LYS A 493 4.85 2.62 13.22
CA LYS A 493 3.61 3.30 13.00
C LYS A 493 2.54 2.35 12.52
N THR A 494 2.96 1.35 11.76
CA THR A 494 1.98 0.40 11.25
C THR A 494 1.41 -0.42 12.42
N MET A 495 2.25 -0.77 13.38
CA MET A 495 1.80 -1.57 14.51
C MET A 495 0.89 -0.73 15.41
N GLU A 496 1.18 0.55 15.51
CA GLU A 496 0.32 1.42 16.27
C GLU A 496 -1.09 1.52 15.63
N TRP A 497 -1.16 1.65 14.31
CA TRP A 497 -2.48 1.69 13.64
C TRP A 497 -3.24 0.41 13.86
N VAL A 498 -2.54 -0.68 13.71
CA VAL A 498 -3.06 -2.00 13.89
C VAL A 498 -3.69 -2.21 15.30
N ASP A 499 -3.06 -1.67 16.34
CA ASP A 499 -3.62 -1.80 17.69
C ASP A 499 -4.96 -1.06 17.75
N GLU A 500 -5.04 0.10 17.14
CA GLU A 500 -6.28 0.83 17.20
C GLU A 500 -7.22 0.43 16.08
N ASP A 501 -6.90 -0.60 15.31
CA ASP A 501 -7.73 -0.98 14.16
C ASP A 501 -8.91 -1.89 14.48
N VAL A 502 -10.11 -1.37 14.44
CA VAL A 502 -11.26 -2.14 14.89
C VAL A 502 -11.87 -2.94 13.73
N GLU A 503 -11.63 -4.25 13.70
CA GLU A 503 -12.12 -5.02 12.58
C GLU A 503 -13.44 -5.74 12.96
N ALA B 1 -38.86 34.66 -27.33
CA ALA B 1 -37.59 33.88 -27.30
C ALA B 1 -37.82 32.71 -26.36
N ASP B 2 -37.56 31.51 -26.83
CA ASP B 2 -37.84 30.38 -25.98
C ASP B 2 -36.61 29.69 -25.39
N TYR B 3 -35.44 30.27 -25.58
CA TYR B 3 -34.21 29.61 -25.14
C TYR B 3 -33.28 30.55 -24.42
N VAL B 4 -32.39 29.98 -23.62
CA VAL B 4 -31.32 30.75 -22.94
C VAL B 4 -29.97 30.14 -23.34
N LEU B 5 -29.08 30.95 -23.92
CA LEU B 5 -27.76 30.51 -24.30
C LEU B 5 -26.75 30.58 -23.14
N ALA B 6 -26.11 29.46 -22.85
CA ALA B 6 -25.03 29.39 -21.86
C ALA B 6 -23.63 29.17 -22.47
N ILE B 7 -22.70 30.04 -22.08
CA ILE B 7 -21.30 29.90 -22.50
C ILE B 7 -20.51 29.47 -21.30
N ASP B 8 -19.85 28.34 -21.45
CA ASP B 8 -19.02 27.76 -20.42
C ASP B 8 -17.57 27.88 -20.92
N GLN B 9 -16.85 28.88 -20.42
CA GLN B 9 -15.47 29.13 -20.82
C GLN B 9 -14.56 28.45 -19.81
N GLY B 10 -14.24 27.17 -20.07
CA GLY B 10 -13.49 26.38 -19.13
C GLY B 10 -11.96 26.40 -19.27
N THR B 11 -11.32 25.53 -18.50
CA THR B 11 -9.87 25.38 -18.49
C THR B 11 -9.27 24.88 -19.78
N THR B 12 -9.87 23.85 -20.39
CA THR B 12 -9.34 23.23 -21.61
C THR B 12 -10.23 23.38 -22.83
N SER B 13 -11.49 23.68 -22.66
CA SER B 13 -12.35 23.98 -23.79
C SER B 13 -13.39 25.02 -23.39
N SER B 14 -14.02 25.58 -24.41
CA SER B 14 -15.13 26.47 -24.25
C SER B 14 -16.29 25.81 -24.95
N ARG B 15 -17.47 25.91 -24.36
CA ARG B 15 -18.67 25.42 -25.04
C ARG B 15 -19.91 26.32 -24.93
N ALA B 16 -20.80 26.28 -25.91
CA ALA B 16 -22.07 26.97 -25.78
C ALA B 16 -23.21 25.98 -25.69
N ILE B 17 -24.13 26.19 -24.75
CA ILE B 17 -25.28 25.31 -24.66
C ILE B 17 -26.59 26.13 -24.63
N VAL B 18 -27.54 25.72 -25.47
CA VAL B 18 -28.85 26.37 -25.55
C VAL B 18 -29.80 25.44 -24.79
N PHE B 19 -30.49 25.97 -23.81
CA PHE B 19 -31.45 25.24 -23.05
C PHE B 19 -32.84 25.82 -23.31
N ASP B 20 -33.86 25.02 -23.07
CA ASP B 20 -35.23 25.53 -23.10
C ASP B 20 -35.72 25.73 -21.67
N HIS B 21 -37.00 26.11 -21.53
CA HIS B 21 -37.62 26.41 -20.26
C HIS B 21 -37.61 25.25 -19.28
N SER B 22 -37.52 24.03 -19.82
CA SER B 22 -37.56 22.82 -19.04
C SER B 22 -36.16 22.35 -18.69
N GLY B 23 -35.18 23.17 -19.02
CA GLY B 23 -33.81 22.86 -18.67
C GLY B 23 -33.18 21.84 -19.58
N GLU B 24 -33.84 21.49 -20.67
CA GLU B 24 -33.24 20.54 -21.56
C GLU B 24 -32.18 21.13 -22.50
N ILE B 25 -31.24 20.29 -22.92
CA ILE B 25 -30.24 20.69 -23.89
C ILE B 25 -30.84 20.56 -25.29
N TYR B 26 -30.91 21.68 -26.00
CA TYR B 26 -31.41 21.75 -27.35
C TYR B 26 -30.26 21.61 -28.36
N SER B 27 -29.26 22.48 -28.26
CA SER B 27 -28.09 22.41 -29.12
C SER B 27 -26.82 22.80 -28.39
N THR B 28 -25.68 22.37 -28.91
CA THR B 28 -24.41 22.63 -28.25
C THR B 28 -23.27 22.75 -29.23
N GLY B 29 -22.14 23.32 -28.78
CA GLY B 29 -20.90 23.54 -29.56
C GLY B 29 -19.74 23.54 -28.56
N GLN B 30 -18.64 22.90 -28.91
CA GLN B 30 -17.47 22.87 -28.02
C GLN B 30 -16.18 22.94 -28.84
N LEU B 31 -15.19 23.67 -28.31
CA LEU B 31 -13.87 23.80 -28.92
C LEU B 31 -12.77 23.93 -27.87
N GLU B 32 -11.67 23.23 -28.11
CA GLU B 32 -10.55 23.29 -27.22
C GLU B 32 -9.73 24.49 -27.54
N HIS B 33 -8.91 24.91 -26.56
CA HIS B 33 -7.90 25.96 -26.76
C HIS B 33 -6.57 25.47 -26.20
N ASP B 34 -5.48 26.08 -26.63
CA ASP B 34 -4.15 25.57 -26.26
C ASP B 34 -3.81 25.76 -24.82
N GLN B 35 -3.23 24.71 -24.24
CA GLN B 35 -2.67 24.82 -22.92
C GLN B 35 -1.18 25.12 -23.12
N ILE B 36 -0.79 26.37 -22.92
CA ILE B 36 0.60 26.80 -23.19
C ILE B 36 1.50 26.68 -21.96
N PHE B 37 2.65 26.03 -22.14
CA PHE B 37 3.65 25.82 -21.08
C PHE B 37 4.97 26.42 -21.52
N PRO B 38 5.14 27.73 -21.39
CA PRO B 38 6.40 28.36 -21.82
C PRO B 38 7.53 27.91 -20.90
N ARG B 39 7.20 27.61 -19.65
CA ARG B 39 8.21 27.28 -18.67
C ARG B 39 7.67 26.26 -17.69
N ALA B 40 8.55 25.61 -16.94
CA ALA B 40 8.07 24.67 -15.92
C ALA B 40 7.19 25.36 -14.87
N GLY B 41 5.99 24.82 -14.66
CA GLY B 41 5.09 25.38 -13.66
C GLY B 41 4.25 26.50 -14.23
N TRP B 42 4.62 26.95 -15.42
CA TRP B 42 3.87 28.01 -16.08
C TRP B 42 2.74 27.42 -16.90
N VAL B 43 1.56 27.99 -16.74
CA VAL B 43 0.40 27.55 -17.48
C VAL B 43 -0.37 28.77 -17.97
N GLU B 44 -0.52 28.85 -19.28
CA GLU B 44 -1.16 30.02 -19.91
C GLU B 44 -2.17 29.63 -21.00
N HIS B 45 -3.06 30.56 -21.33
CA HIS B 45 -3.97 30.42 -22.46
C HIS B 45 -3.87 31.69 -23.29
N ASN B 46 -4.16 31.53 -24.57
CA ASN B 46 -4.19 32.62 -25.53
C ASN B 46 -5.61 33.26 -25.49
N PRO B 47 -5.72 34.42 -24.86
CA PRO B 47 -7.01 35.09 -24.66
C PRO B 47 -7.73 35.33 -25.97
N GLU B 48 -6.97 35.53 -27.04
CA GLU B 48 -7.58 35.71 -28.34
C GLU B 48 -8.13 34.41 -28.89
N GLN B 49 -7.45 33.31 -28.61
CA GLN B 49 -7.94 32.03 -29.06
C GLN B 49 -9.27 31.75 -28.30
N ILE B 50 -9.27 32.04 -26.99
CA ILE B 50 -10.45 31.77 -26.17
C ILE B 50 -11.65 32.58 -26.69
N TRP B 51 -11.39 33.82 -27.07
CA TRP B 51 -12.45 34.66 -27.59
C TRP B 51 -12.99 34.15 -28.92
N ASN B 52 -12.09 33.84 -29.85
CA ASN B 52 -12.46 33.29 -31.13
C ASN B 52 -13.25 31.99 -30.91
N ASN B 53 -12.77 31.15 -29.99
CA ASN B 53 -13.47 29.90 -29.73
C ASN B 53 -14.90 30.11 -29.20
N VAL B 54 -15.05 31.10 -28.35
CA VAL B 54 -16.35 31.40 -27.78
C VAL B 54 -17.35 31.85 -28.84
N ARG B 55 -16.90 32.63 -29.81
CA ARG B 55 -17.77 33.06 -30.88
C ARG B 55 -18.14 31.90 -31.77
N GLU B 56 -17.15 31.10 -32.08
CA GLU B 56 -17.37 29.98 -32.94
C GLU B 56 -18.36 28.96 -32.31
N VAL B 57 -18.25 28.69 -31.00
CA VAL B 57 -19.16 27.72 -30.39
C VAL B 57 -20.56 28.28 -30.28
N VAL B 58 -20.65 29.58 -30.05
CA VAL B 58 -21.95 30.19 -29.97
C VAL B 58 -22.61 30.06 -31.34
N GLY B 59 -21.84 30.33 -32.40
CA GLY B 59 -22.32 30.20 -33.76
C GLY B 59 -22.72 28.74 -34.00
N LEU B 60 -21.92 27.84 -33.49
CA LEU B 60 -22.17 26.44 -33.73
C LEU B 60 -23.52 26.04 -33.09
N ALA B 61 -23.68 26.36 -31.82
CA ALA B 61 -24.92 26.02 -31.11
C ALA B 61 -26.18 26.65 -31.73
N LEU B 62 -26.08 27.87 -32.18
CA LEU B 62 -27.22 28.50 -32.82
C LEU B 62 -27.54 27.84 -34.18
N THR B 63 -26.50 27.55 -34.95
CA THR B 63 -26.67 26.95 -36.26
C THR B 63 -27.25 25.56 -36.17
N ARG B 64 -26.62 24.74 -35.36
CA ARG B 64 -27.08 23.36 -35.18
C ARG B 64 -28.51 23.27 -34.69
N GLY B 65 -28.96 24.28 -33.94
CA GLY B 65 -30.31 24.24 -33.43
C GLY B 65 -31.25 25.03 -34.32
N ASN B 66 -30.70 25.63 -35.37
CA ASN B 66 -31.55 26.45 -36.22
C ASN B 66 -32.21 27.58 -35.55
N LEU B 67 -31.46 28.26 -34.69
CA LEU B 67 -31.98 29.36 -33.89
C LEU B 67 -31.35 30.66 -34.36
N THR B 68 -32.01 31.78 -34.12
CA THR B 68 -31.36 33.06 -34.38
C THR B 68 -31.47 33.80 -33.07
N HIS B 69 -30.74 34.90 -33.01
CA HIS B 69 -30.65 35.71 -31.81
C HIS B 69 -32.02 36.05 -31.31
N GLU B 70 -33.02 35.88 -32.17
CA GLU B 70 -34.43 36.11 -31.84
C GLU B 70 -34.97 35.06 -30.86
N ASP B 71 -34.45 33.85 -30.95
CA ASP B 71 -34.89 32.78 -30.07
C ASP B 71 -34.20 32.82 -28.73
N ILE B 72 -33.16 33.65 -28.62
CA ILE B 72 -32.38 33.70 -27.38
C ILE B 72 -32.90 34.72 -26.36
N ALA B 73 -33.44 34.24 -25.27
CA ALA B 73 -33.94 35.17 -24.28
C ALA B 73 -32.84 35.85 -23.50
N ALA B 74 -31.75 35.15 -23.26
CA ALA B 74 -30.64 35.73 -22.50
C ALA B 74 -29.42 34.87 -22.62
N VAL B 75 -28.28 35.46 -22.32
CA VAL B 75 -27.03 34.73 -22.31
C VAL B 75 -26.46 34.73 -20.91
N GLY B 76 -26.00 33.57 -20.49
CA GLY B 76 -25.36 33.37 -19.21
C GLY B 76 -23.93 32.93 -19.45
N ILE B 77 -23.04 33.35 -18.56
CA ILE B 77 -21.64 33.07 -18.69
C ILE B 77 -21.10 32.49 -17.41
N THR B 78 -20.37 31.38 -17.54
CA THR B 78 -19.65 30.77 -16.41
C THR B 78 -18.24 30.47 -16.93
N ASN B 79 -17.27 30.49 -16.04
CA ASN B 79 -15.87 30.42 -16.50
C ASN B 79 -14.95 29.75 -15.50
N GLN B 80 -13.85 29.24 -16.00
CA GLN B 80 -12.81 28.70 -15.16
C GLN B 80 -12.46 29.89 -14.27
N ARG B 81 -12.25 29.65 -12.98
CA ARG B 81 -11.96 30.72 -12.04
C ARG B 81 -10.48 31.07 -11.93
N GLU B 82 -10.23 32.20 -11.27
CA GLU B 82 -8.91 32.77 -10.92
C GLU B 82 -7.97 33.09 -12.07
N THR B 83 -8.20 32.48 -13.22
CA THR B 83 -7.35 32.77 -14.37
C THR B 83 -7.44 34.30 -14.70
N ALA B 84 -6.29 34.94 -14.94
CA ALA B 84 -6.19 36.38 -15.12
C ALA B 84 -5.79 36.81 -16.53
N VAL B 85 -6.54 37.78 -17.03
CA VAL B 85 -6.31 38.37 -18.33
C VAL B 85 -6.07 39.87 -18.16
N VAL B 86 -4.99 40.36 -18.75
CA VAL B 86 -4.70 41.78 -18.69
C VAL B 86 -4.59 42.30 -20.10
N TRP B 87 -5.42 43.28 -20.45
CA TRP B 87 -5.42 43.78 -21.79
C TRP B 87 -5.49 45.29 -21.90
N ASP B 88 -5.16 45.77 -23.09
CA ASP B 88 -5.17 47.18 -23.46
C ASP B 88 -6.59 47.58 -23.85
N LYS B 89 -7.16 48.50 -23.10
CA LYS B 89 -8.54 48.90 -23.31
C LYS B 89 -8.75 49.81 -24.51
N THR B 90 -7.67 50.21 -25.19
CA THR B 90 -7.85 51.03 -26.38
C THR B 90 -7.72 50.18 -27.63
N THR B 91 -6.99 49.08 -27.53
CA THR B 91 -6.82 48.22 -28.70
C THR B 91 -7.53 46.89 -28.49
N GLY B 92 -7.71 46.54 -27.22
CA GLY B 92 -8.37 45.31 -26.83
C GLY B 92 -7.43 44.11 -26.94
N LYS B 93 -6.14 44.39 -27.04
CA LYS B 93 -5.14 43.34 -27.16
C LYS B 93 -4.48 43.05 -25.82
N PRO B 94 -4.40 41.78 -25.45
CA PRO B 94 -3.75 41.38 -24.21
C PRO B 94 -2.28 41.84 -24.19
N VAL B 95 -1.77 42.20 -23.01
CA VAL B 95 -0.39 42.61 -22.83
C VAL B 95 0.49 41.39 -22.65
N TYR B 96 -0.17 40.26 -22.33
CA TYR B 96 0.45 38.98 -22.06
C TYR B 96 -0.65 37.92 -22.16
N ASN B 97 -0.28 36.65 -22.09
CA ASN B 97 -1.25 35.60 -22.13
C ASN B 97 -2.03 35.55 -20.82
N ALA B 98 -3.20 34.93 -20.86
CA ALA B 98 -3.98 34.73 -19.65
C ALA B 98 -3.16 33.77 -18.81
N ILE B 99 -2.94 34.08 -17.53
CA ILE B 99 -2.20 33.20 -16.61
C ILE B 99 -3.22 32.36 -15.87
N VAL B 100 -3.14 31.05 -16.05
CA VAL B 100 -4.13 30.11 -15.57
C VAL B 100 -4.04 29.91 -14.07
N TRP B 101 -5.15 29.48 -13.48
CA TRP B 101 -5.19 29.22 -12.05
C TRP B 101 -4.17 28.18 -11.60
N GLN B 102 -3.87 27.23 -12.48
CA GLN B 102 -2.89 26.18 -12.23
C GLN B 102 -1.40 26.60 -12.41
N ASP B 103 -1.16 27.82 -12.83
CA ASP B 103 0.18 28.34 -12.99
C ASP B 103 0.77 28.62 -11.62
N THR B 104 2.01 28.19 -11.36
CA THR B 104 2.61 28.41 -10.04
C THR B 104 3.74 29.44 -10.00
N ARG B 105 3.83 30.34 -10.96
CA ARG B 105 4.98 31.25 -11.00
C ARG B 105 4.93 32.32 -9.92
N THR B 106 3.75 32.50 -9.33
CA THR B 106 3.55 33.56 -8.34
C THR B 106 3.92 33.11 -6.91
N GLN B 107 4.73 32.08 -6.77
CA GLN B 107 5.01 31.55 -5.44
C GLN B 107 5.86 32.49 -4.58
N LYS B 108 6.91 33.06 -5.17
CA LYS B 108 7.77 34.03 -4.50
C LYS B 108 6.95 35.24 -4.09
N ILE B 109 6.27 35.83 -5.06
CA ILE B 109 5.44 37.00 -4.83
C ILE B 109 4.46 36.80 -3.66
N VAL B 110 3.87 35.62 -3.65
CA VAL B 110 2.91 35.24 -2.64
C VAL B 110 3.60 35.09 -1.28
N ASP B 111 4.77 34.46 -1.30
CA ASP B 111 5.55 34.26 -0.09
C ASP B 111 5.89 35.61 0.54
N GLU B 112 6.35 36.55 -0.28
CA GLU B 112 6.74 37.84 0.27
C GLU B 112 5.58 38.77 0.54
N LEU B 113 4.45 38.56 -0.15
CA LEU B 113 3.28 39.39 0.12
C LEU B 113 2.81 39.19 1.54
N GLY B 114 2.95 37.96 2.05
CA GLY B 114 2.46 37.68 3.40
C GLY B 114 3.33 38.22 4.52
N GLY B 115 4.59 38.51 4.18
CA GLY B 115 5.52 39.08 5.12
C GLY B 115 5.53 38.27 6.40
N ASP B 116 5.38 38.94 7.52
CA ASP B 116 5.46 38.23 8.78
C ASP B 116 4.14 37.67 9.22
N GLU B 117 3.09 38.06 8.53
CA GLU B 117 1.79 37.57 8.90
C GLU B 117 1.58 36.23 8.22
N GLY B 118 2.23 36.02 7.09
CA GLY B 118 2.11 34.73 6.44
C GLY B 118 1.02 34.63 5.40
N ALA B 119 0.62 33.39 5.16
CA ALA B 119 -0.32 33.06 4.09
C ALA B 119 -1.74 33.40 4.41
N GLU B 120 -2.05 33.44 5.69
CA GLU B 120 -3.39 33.80 6.13
C GLU B 120 -3.58 35.31 6.28
N LYS B 121 -2.61 36.10 5.84
CA LYS B 121 -2.66 37.55 6.06
C LYS B 121 -4.04 38.18 5.78
N TYR B 122 -4.58 37.90 4.59
CA TYR B 122 -5.84 38.47 4.13
C TYR B 122 -7.05 37.60 4.34
N LYS B 123 -6.80 36.37 4.76
CA LYS B 123 -7.86 35.39 4.92
C LYS B 123 -9.13 35.88 5.54
N SER B 124 -8.98 36.75 6.56
CA SER B 124 -10.13 37.18 7.39
C SER B 124 -11.00 38.18 6.64
N ILE B 125 -10.43 38.78 5.60
CA ILE B 125 -11.11 39.75 4.75
C ILE B 125 -11.62 39.10 3.42
N VAL B 126 -10.78 38.32 2.74
CA VAL B 126 -11.16 37.76 1.44
C VAL B 126 -11.63 36.28 1.41
N GLY B 127 -11.37 35.52 2.45
CA GLY B 127 -11.71 34.10 2.53
C GLY B 127 -10.68 33.12 1.89
N LEU B 128 -9.53 33.64 1.49
CA LEU B 128 -8.52 32.92 0.75
C LEU B 128 -7.11 33.11 1.31
N PRO B 129 -6.34 32.01 1.39
CA PRO B 129 -4.92 32.12 1.74
C PRO B 129 -4.15 32.69 0.59
N LEU B 130 -2.97 33.21 0.82
CA LEU B 130 -2.15 33.65 -0.31
C LEU B 130 -1.63 32.38 -0.99
N ALA B 131 -1.78 32.29 -2.31
CA ALA B 131 -1.42 31.09 -3.05
C ALA B 131 -1.34 31.32 -4.55
N THR B 132 -0.71 30.39 -5.27
CA THR B 132 -0.53 30.52 -6.71
C THR B 132 -1.81 30.52 -7.51
N TYR B 133 -2.88 30.00 -6.91
CA TYR B 133 -4.19 29.89 -7.60
C TYR B 133 -4.86 31.21 -7.92
N PHE B 134 -4.78 32.13 -6.98
CA PHE B 134 -5.65 33.33 -7.00
C PHE B 134 -5.15 34.49 -7.81
N SER B 135 -6.07 35.26 -8.36
CA SER B 135 -5.73 36.30 -9.34
C SER B 135 -4.82 37.44 -8.91
N GLY B 136 -5.03 38.04 -7.75
CA GLY B 136 -4.23 39.22 -7.38
C GLY B 136 -2.75 39.13 -7.75
N PRO B 137 -2.06 38.17 -7.15
CA PRO B 137 -0.63 38.01 -7.38
C PRO B 137 -0.31 37.83 -8.86
N LYS B 138 -1.25 37.31 -9.66
CA LYS B 138 -0.98 37.17 -11.08
C LYS B 138 -0.98 38.52 -11.78
N ILE B 139 -1.85 39.41 -11.33
CA ILE B 139 -1.86 40.74 -11.94
C ILE B 139 -0.54 41.45 -11.55
N LYS B 140 -0.03 41.19 -10.36
CA LYS B 140 1.18 41.87 -9.94
C LYS B 140 2.32 41.41 -10.84
N TRP B 141 2.34 40.10 -11.10
CA TRP B 141 3.37 39.54 -11.94
C TRP B 141 3.46 40.24 -13.27
N ILE B 142 2.32 40.35 -13.93
CA ILE B 142 2.30 40.95 -15.24
C ILE B 142 2.86 42.39 -15.21
N LEU B 143 2.47 43.13 -14.18
CA LEU B 143 2.89 44.52 -14.02
C LEU B 143 4.40 44.66 -13.77
N ASP B 144 4.94 43.78 -12.94
CA ASP B 144 6.36 43.79 -12.61
C ASP B 144 7.25 43.23 -13.66
N ASN B 145 6.70 42.44 -14.58
CA ASN B 145 7.55 41.77 -15.57
C ASN B 145 7.27 42.16 -17.01
N VAL B 146 6.17 42.83 -17.27
CA VAL B 146 5.93 43.19 -18.68
C VAL B 146 6.16 44.66 -18.92
N GLU B 147 6.91 44.95 -19.99
CA GLU B 147 7.27 46.33 -20.35
C GLU B 147 6.07 47.13 -20.84
N GLY B 148 5.88 48.28 -20.21
CA GLY B 148 4.86 49.22 -20.64
C GLY B 148 3.55 48.96 -19.96
N ALA B 149 3.47 47.82 -19.30
CA ALA B 149 2.25 47.43 -18.64
C ALA B 149 2.01 48.32 -17.43
N ARG B 150 3.04 48.47 -16.60
CA ARG B 150 2.87 49.23 -15.37
C ARG B 150 2.45 50.66 -15.60
N GLU B 151 2.94 51.25 -16.68
CA GLU B 151 2.65 52.64 -16.95
C GLU B 151 1.31 52.78 -17.64
N LYS B 152 1.05 51.95 -18.65
CA LYS B 152 -0.25 51.95 -19.34
C LYS B 152 -1.34 51.84 -18.32
N ALA B 153 -1.02 51.13 -17.24
CA ALA B 153 -1.95 50.90 -16.17
C ALA B 153 -2.18 52.17 -15.42
N GLU B 154 -1.10 52.85 -15.10
CA GLU B 154 -1.21 54.08 -14.36
C GLU B 154 -1.95 55.14 -15.16
N LYS B 155 -1.96 54.99 -16.49
CA LYS B 155 -2.74 55.93 -17.31
C LYS B 155 -4.22 55.57 -17.21
N GLY B 156 -4.51 54.33 -16.85
CA GLY B 156 -5.89 53.88 -16.78
C GLY B 156 -6.31 53.20 -18.06
N ASP B 157 -5.33 52.76 -18.83
CA ASP B 157 -5.63 52.08 -20.08
C ASP B 157 -5.55 50.54 -20.00
N LEU B 158 -5.29 50.00 -18.81
CA LEU B 158 -5.16 48.56 -18.62
C LEU B 158 -6.33 47.96 -17.88
N LEU B 159 -6.85 46.87 -18.40
CA LEU B 159 -7.94 46.24 -17.71
C LEU B 159 -7.60 44.84 -17.26
N PHE B 160 -8.12 44.47 -16.12
CA PHE B 160 -8.02 43.11 -15.70
C PHE B 160 -9.40 42.49 -15.67
N GLY B 161 -9.41 41.17 -15.68
CA GLY B 161 -10.64 40.43 -15.50
C GLY B 161 -10.44 38.92 -15.64
N ASN B 162 -11.14 38.14 -14.82
CA ASN B 162 -11.22 36.74 -15.07
C ASN B 162 -11.87 36.57 -16.47
N THR B 163 -12.01 35.31 -16.93
CA THR B 163 -12.57 35.05 -18.27
C THR B 163 -14.02 35.44 -18.42
N ASP B 164 -14.76 35.51 -17.31
CA ASP B 164 -16.11 36.03 -17.40
C ASP B 164 -16.07 37.44 -17.93
N THR B 165 -15.25 38.25 -17.30
CA THR B 165 -15.12 39.68 -17.64
C THR B 165 -14.58 39.86 -19.02
N TRP B 166 -13.54 39.09 -19.36
CA TRP B 166 -12.91 39.10 -20.66
C TRP B 166 -13.93 38.76 -21.77
N VAL B 167 -14.85 37.83 -21.52
CA VAL B 167 -15.83 37.46 -22.56
C VAL B 167 -16.93 38.51 -22.65
N LEU B 168 -17.42 38.99 -21.51
CA LEU B 168 -18.48 39.98 -21.50
C LEU B 168 -18.03 41.28 -22.25
N TRP B 169 -16.77 41.69 -22.00
CA TRP B 169 -16.19 42.85 -22.60
C TRP B 169 -16.24 42.74 -24.12
N ASN B 170 -15.69 41.64 -24.65
CA ASN B 170 -15.71 41.44 -26.10
C ASN B 170 -17.16 41.34 -26.64
N MET B 171 -18.00 40.59 -25.94
CA MET B 171 -19.37 40.41 -26.39
C MET B 171 -20.14 41.70 -26.49
N THR B 172 -19.73 42.71 -25.72
CA THR B 172 -20.46 43.98 -25.71
C THR B 172 -19.80 45.06 -26.57
N GLY B 173 -18.86 44.66 -27.41
CA GLY B 173 -18.24 45.60 -28.32
C GLY B 173 -16.77 45.84 -28.20
N GLY B 174 -16.21 45.55 -27.02
CA GLY B 174 -14.78 45.75 -26.77
C GLY B 174 -14.45 47.23 -26.78
N THR B 175 -13.48 47.61 -27.62
CA THR B 175 -13.03 49.00 -27.73
C THR B 175 -14.21 49.91 -28.04
N GLU B 176 -15.18 49.36 -28.79
CA GLU B 176 -16.40 50.05 -29.19
C GLU B 176 -17.59 49.72 -28.27
N GLY B 177 -17.53 50.16 -27.02
CA GLY B 177 -18.65 49.96 -26.11
C GLY B 177 -18.57 48.84 -25.05
N GLY B 178 -17.47 48.12 -25.01
CA GLY B 178 -17.37 47.03 -24.06
C GLY B 178 -17.64 47.40 -22.61
N VAL B 179 -18.41 46.56 -21.94
CA VAL B 179 -18.59 46.80 -20.53
C VAL B 179 -17.60 45.90 -19.72
N HIS B 180 -17.02 46.46 -18.68
CA HIS B 180 -16.03 45.81 -17.84
C HIS B 180 -16.63 45.48 -16.48
N VAL B 181 -17.14 44.26 -16.33
CA VAL B 181 -17.87 43.90 -15.14
C VAL B 181 -17.53 42.47 -14.70
N THR B 182 -17.71 42.17 -13.43
CA THR B 182 -17.55 40.83 -13.00
C THR B 182 -18.61 40.66 -11.95
N ASP B 183 -18.98 39.42 -11.63
CA ASP B 183 -19.92 39.16 -10.53
C ASP B 183 -19.14 38.92 -9.25
N VAL B 184 -19.85 38.84 -8.13
CA VAL B 184 -19.24 38.62 -6.82
C VAL B 184 -18.61 37.23 -6.62
N THR B 185 -19.08 36.20 -7.34
CA THR B 185 -18.43 34.92 -7.11
C THR B 185 -17.03 34.96 -7.63
N ASN B 186 -16.83 35.54 -8.80
CA ASN B 186 -15.51 35.58 -9.40
C ASN B 186 -14.59 36.60 -8.69
N ALA B 187 -15.18 37.72 -8.27
CA ALA B 187 -14.47 38.79 -7.58
C ALA B 187 -13.85 38.22 -6.29
N SER B 188 -14.59 37.38 -5.63
CA SER B 188 -14.15 36.75 -4.37
C SER B 188 -13.05 35.70 -4.52
N ARG B 189 -12.52 35.60 -5.73
CA ARG B 189 -11.49 34.62 -6.05
C ARG B 189 -10.17 35.28 -6.38
N THR B 190 -10.17 36.60 -6.43
CA THR B 190 -8.98 37.35 -6.83
C THR B 190 -8.09 37.72 -5.66
N MET B 191 -8.64 37.59 -4.45
CA MET B 191 -8.03 38.05 -3.20
C MET B 191 -8.24 39.56 -2.95
N LEU B 192 -8.82 40.28 -3.88
CA LEU B 192 -8.92 41.72 -3.74
C LEU B 192 -10.27 42.23 -3.30
N MET B 193 -11.17 41.31 -2.96
CA MET B 193 -12.53 41.69 -2.58
C MET B 193 -12.87 41.36 -1.17
N ASP B 194 -13.46 42.33 -0.49
CA ASP B 194 -13.96 42.17 0.87
C ASP B 194 -15.21 41.36 0.79
N LEU B 195 -15.29 40.31 1.58
CA LEU B 195 -16.45 39.43 1.63
C LEU B 195 -17.69 40.07 2.24
N ASP B 196 -17.51 41.01 3.17
CA ASP B 196 -18.68 41.57 3.85
C ASP B 196 -19.33 42.61 2.99
N THR B 197 -18.51 43.50 2.45
CA THR B 197 -19.02 44.62 1.66
C THR B 197 -19.19 44.35 0.16
N LEU B 198 -18.50 43.36 -0.36
CA LEU B 198 -18.59 43.01 -1.77
C LEU B 198 -17.95 44.06 -2.64
N SER B 199 -16.86 44.64 -2.13
CA SER B 199 -16.17 45.65 -2.89
C SER B 199 -14.66 45.51 -2.87
N TRP B 200 -14.04 46.16 -3.81
CA TRP B 200 -12.61 46.14 -3.88
C TRP B 200 -11.95 46.74 -2.60
N ARG B 201 -10.83 46.16 -2.22
CA ARG B 201 -10.11 46.55 -1.03
C ARG B 201 -8.97 47.36 -1.49
N GLU B 202 -9.05 48.65 -1.14
CA GLU B 202 -8.07 49.64 -1.51
C GLU B 202 -6.71 49.29 -0.95
N ASP B 203 -6.67 48.78 0.27
CA ASP B 203 -5.38 48.49 0.87
C ASP B 203 -4.69 47.23 0.26
N ILE B 204 -5.43 46.15 0.13
CA ILE B 204 -4.89 44.95 -0.50
C ILE B 204 -4.39 45.27 -1.91
N ALA B 205 -5.14 46.05 -2.66
CA ALA B 205 -4.67 46.41 -4.01
C ALA B 205 -3.29 47.11 -4.03
N ALA B 206 -3.12 48.04 -3.10
CA ALA B 206 -1.86 48.75 -2.98
C ALA B 206 -0.75 47.80 -2.50
N ASP B 207 -1.09 46.95 -1.55
CA ASP B 207 -0.15 45.96 -1.08
C ASP B 207 0.43 45.23 -2.26
N MET B 208 -0.39 44.99 -3.28
CA MET B 208 0.07 44.19 -4.38
C MET B 208 0.47 45.02 -5.52
N GLY B 209 0.40 46.33 -5.34
CA GLY B 209 0.75 47.26 -6.42
C GLY B 209 -0.25 47.23 -7.58
N ILE B 210 -1.55 47.14 -7.28
CA ILE B 210 -2.50 47.13 -8.40
C ILE B 210 -3.40 48.34 -8.41
N PRO B 211 -3.32 49.17 -9.42
CA PRO B 211 -4.22 50.34 -9.47
C PRO B 211 -5.68 49.92 -9.50
N LEU B 212 -6.54 50.57 -8.75
CA LEU B 212 -7.97 50.25 -8.77
C LEU B 212 -8.62 50.49 -10.16
N SER B 213 -7.92 51.15 -11.07
CA SER B 213 -8.51 51.43 -12.37
C SER B 213 -8.53 50.17 -13.27
N MET B 214 -7.80 49.14 -12.85
CA MET B 214 -7.70 47.89 -13.62
C MET B 214 -8.88 46.96 -13.32
N LEU B 215 -9.38 47.07 -12.09
CA LEU B 215 -10.41 46.21 -11.56
C LEU B 215 -11.80 46.48 -12.13
N PRO B 216 -12.49 45.43 -12.51
CA PRO B 216 -13.84 45.53 -13.08
C PRO B 216 -14.89 45.92 -12.04
N ASP B 217 -15.96 46.57 -12.47
CA ASP B 217 -17.07 46.83 -11.56
C ASP B 217 -17.77 45.56 -11.08
N ILE B 218 -17.91 45.44 -9.77
CA ILE B 218 -18.52 44.25 -9.22
C ILE B 218 -20.03 44.30 -9.14
N ARG B 219 -20.69 43.29 -9.71
CA ARG B 219 -22.15 43.23 -9.67
C ARG B 219 -22.62 41.89 -9.16
N SER B 220 -23.94 41.73 -9.11
CA SER B 220 -24.52 40.47 -8.71
C SER B 220 -24.35 39.43 -9.84
N SER B 221 -24.74 38.19 -9.56
CA SER B 221 -24.56 37.11 -10.51
C SER B 221 -25.73 37.00 -11.49
N SER B 222 -26.72 37.85 -11.33
CA SER B 222 -27.88 37.72 -12.17
C SER B 222 -28.58 39.05 -12.38
N GLU B 223 -28.24 39.73 -13.47
CA GLU B 223 -28.82 41.03 -13.82
C GLU B 223 -28.32 41.38 -15.22
N VAL B 224 -29.01 42.29 -15.91
CA VAL B 224 -28.58 42.63 -17.27
C VAL B 224 -27.36 43.49 -17.17
N TYR B 225 -26.23 43.04 -17.73
CA TYR B 225 -24.96 43.79 -17.70
C TYR B 225 -24.82 44.59 -18.96
N GLY B 226 -25.51 44.18 -20.01
CA GLY B 226 -25.34 44.86 -21.29
C GLY B 226 -25.98 43.99 -22.36
N HIS B 227 -25.79 44.33 -23.62
CA HIS B 227 -26.40 43.58 -24.70
C HIS B 227 -25.40 43.18 -25.76
N GLY B 228 -25.66 42.08 -26.45
CA GLY B 228 -24.74 41.64 -27.49
C GLY B 228 -24.47 42.70 -28.56
N ARG B 229 -23.21 42.92 -28.88
CA ARG B 229 -22.87 43.89 -29.92
C ARG B 229 -23.63 43.64 -31.23
N PRO B 230 -23.86 44.71 -31.98
CA PRO B 230 -24.66 44.66 -33.23
C PRO B 230 -24.14 43.76 -34.31
N ARG B 231 -22.82 43.62 -34.43
CA ARG B 231 -22.21 42.82 -35.47
C ARG B 231 -21.94 41.41 -35.05
N GLY B 232 -22.38 41.05 -33.83
CA GLY B 232 -22.15 39.73 -33.24
C GLY B 232 -23.23 38.72 -33.58
N LEU B 233 -23.18 37.54 -32.94
CA LEU B 233 -24.13 36.47 -33.20
C LEU B 233 -25.45 36.65 -32.46
N VAL B 234 -25.39 37.45 -31.39
CA VAL B 234 -26.54 37.66 -30.49
C VAL B 234 -26.77 39.14 -30.32
N PRO B 235 -27.05 39.78 -31.43
CA PRO B 235 -27.25 41.23 -31.45
C PRO B 235 -28.44 41.67 -30.61
N GLY B 236 -28.20 42.57 -29.64
CA GLY B 236 -29.24 43.14 -28.81
C GLY B 236 -29.67 42.30 -27.63
N VAL B 237 -29.28 41.04 -27.63
CA VAL B 237 -29.68 40.10 -26.56
C VAL B 237 -29.05 40.44 -25.20
N PRO B 238 -29.85 40.45 -24.14
CA PRO B 238 -29.31 40.72 -22.80
C PRO B 238 -28.35 39.63 -22.34
N ILE B 239 -27.26 40.07 -21.75
CA ILE B 239 -26.27 39.17 -21.16
C ILE B 239 -26.48 39.44 -19.69
N ALA B 240 -27.08 38.49 -19.00
CA ALA B 240 -27.60 38.77 -17.68
C ALA B 240 -27.28 37.78 -16.61
N GLY B 241 -26.28 36.96 -16.83
CA GLY B 241 -25.90 35.97 -15.83
C GLY B 241 -24.42 35.63 -15.87
N ILE B 242 -23.74 35.67 -14.71
CA ILE B 242 -22.34 35.29 -14.55
C ILE B 242 -22.10 34.61 -13.20
N LEU B 243 -21.50 33.41 -13.25
CA LEU B 243 -21.14 32.66 -12.04
C LEU B 243 -19.84 31.92 -12.34
N GLY B 244 -18.90 31.95 -11.38
CA GLY B 244 -17.65 31.22 -11.48
C GLY B 244 -18.05 29.77 -11.59
N ASP B 245 -17.26 29.00 -12.33
CA ASP B 245 -17.64 27.62 -12.65
C ASP B 245 -18.20 26.80 -11.49
N GLN B 246 -17.48 26.69 -10.38
CA GLN B 246 -17.97 25.84 -9.27
C GLN B 246 -19.29 26.33 -8.66
N GLN B 247 -19.44 27.64 -8.60
CA GLN B 247 -20.66 28.27 -8.13
C GLN B 247 -21.83 28.02 -9.13
N ALA B 248 -21.51 28.13 -10.43
CA ALA B 248 -22.46 27.84 -11.49
C ALA B 248 -22.97 26.43 -11.35
N ALA B 249 -22.03 25.49 -11.15
CA ALA B 249 -22.38 24.10 -10.97
C ALA B 249 -23.32 23.92 -9.81
N THR B 250 -23.01 24.61 -8.72
CA THR B 250 -23.79 24.59 -7.48
C THR B 250 -25.21 25.15 -7.71
N PHE B 251 -25.27 26.27 -8.44
CA PHE B 251 -26.54 26.93 -8.77
C PHE B 251 -27.38 26.08 -9.71
N GLY B 252 -26.69 25.44 -10.65
CA GLY B 252 -27.30 24.54 -11.59
C GLY B 252 -27.73 23.24 -10.94
N GLN B 253 -27.23 22.96 -9.75
CA GLN B 253 -27.71 21.79 -9.06
C GLN B 253 -28.91 22.23 -8.19
N ALA B 254 -29.29 23.49 -8.30
CA ALA B 254 -30.37 24.01 -7.46
C ALA B 254 -30.07 23.86 -5.94
N CYS B 255 -28.81 24.07 -5.56
CA CYS B 255 -28.44 24.04 -4.16
C CYS B 255 -28.74 25.43 -3.56
N PHE B 256 -30.03 25.72 -3.34
CA PHE B 256 -30.45 27.07 -2.94
C PHE B 256 -30.71 27.19 -1.46
N GLU B 257 -30.63 26.07 -0.76
CA GLU B 257 -30.91 26.08 0.67
C GLU B 257 -29.72 25.81 1.58
N VAL B 258 -29.79 26.39 2.78
CA VAL B 258 -28.76 26.25 3.80
C VAL B 258 -28.59 24.79 4.07
N GLY B 259 -27.38 24.30 3.90
CA GLY B 259 -27.14 22.90 4.15
C GLY B 259 -27.07 22.06 2.91
N GLN B 260 -27.51 22.59 1.77
CA GLN B 260 -27.39 21.86 0.51
C GLN B 260 -26.01 22.13 -0.04
N ALA B 261 -25.33 21.07 -0.45
CA ALA B 261 -23.99 21.18 -0.99
C ALA B 261 -23.84 20.38 -2.26
N LYS B 262 -22.89 20.80 -3.12
CA LYS B 262 -22.59 20.02 -4.30
C LYS B 262 -21.14 19.50 -4.35
N ASN B 263 -20.99 18.22 -4.66
CA ASN B 263 -19.71 17.56 -4.72
C ASN B 263 -19.40 17.17 -6.18
N THR B 264 -18.33 17.76 -6.73
CA THR B 264 -17.91 17.45 -8.09
C THR B 264 -16.79 16.41 -8.07
N TYR B 265 -17.03 15.25 -8.67
CA TYR B 265 -16.06 14.17 -8.76
C TYR B 265 -15.23 14.24 -10.06
N GLY B 266 -13.92 14.44 -9.91
CA GLY B 266 -13.00 14.46 -11.04
C GLY B 266 -11.71 13.73 -10.65
N THR B 267 -10.56 14.14 -11.19
CA THR B 267 -9.28 13.55 -10.80
C THR B 267 -9.09 13.97 -9.35
N GLY B 268 -9.56 15.17 -9.05
CA GLY B 268 -9.64 15.66 -7.69
C GLY B 268 -11.13 15.98 -7.48
N ASN B 269 -11.52 16.45 -6.29
CA ASN B 269 -12.90 16.85 -6.01
C ASN B 269 -13.04 18.28 -5.50
N PHE B 270 -14.15 18.93 -5.86
CA PHE B 270 -14.49 20.26 -5.35
C PHE B 270 -15.85 20.17 -4.68
N LEU B 271 -15.94 20.66 -3.44
CA LEU B 271 -17.18 20.53 -2.69
C LEU B 271 -17.55 21.91 -2.18
N LEU B 272 -18.80 22.32 -2.38
CA LEU B 272 -19.27 23.63 -1.89
C LEU B 272 -20.53 23.43 -1.05
N LEU B 273 -20.61 24.12 0.08
CA LEU B 273 -21.80 24.06 0.98
C LEU B 273 -22.47 25.42 1.08
N ASN B 274 -23.78 25.48 0.80
CA ASN B 274 -24.55 26.72 0.85
C ASN B 274 -24.72 27.12 2.31
N THR B 275 -24.23 28.29 2.71
CA THR B 275 -24.37 28.71 4.10
C THR B 275 -25.36 29.82 4.23
N GLY B 276 -26.17 30.04 3.20
CA GLY B 276 -27.16 31.08 3.32
C GLY B 276 -26.53 32.46 3.30
N THR B 277 -27.22 33.42 3.92
CA THR B 277 -26.81 34.81 3.93
C THR B 277 -25.72 35.11 4.94
N GLU B 278 -25.33 34.11 5.73
CA GLU B 278 -24.30 34.29 6.72
C GLU B 278 -22.92 33.86 6.18
N LYS B 279 -21.97 34.76 6.17
CA LYS B 279 -20.61 34.46 5.78
C LYS B 279 -19.96 33.71 6.93
N VAL B 280 -19.36 32.56 6.61
CA VAL B 280 -18.70 31.73 7.59
C VAL B 280 -17.18 31.63 7.31
N MET B 281 -16.38 31.99 8.31
CA MET B 281 -14.94 31.90 8.20
C MET B 281 -14.55 30.56 8.76
N SER B 282 -13.72 29.84 8.00
CA SER B 282 -13.26 28.53 8.42
C SER B 282 -12.18 28.59 9.48
N LYS B 283 -12.25 27.66 10.42
CA LYS B 283 -11.12 27.44 11.32
C LYS B 283 -10.45 26.13 10.93
N ASN B 284 -10.69 25.65 9.71
CA ASN B 284 -10.13 24.35 9.27
C ASN B 284 -9.33 24.45 7.99
N GLY B 285 -9.09 25.67 7.57
CA GLY B 285 -8.34 25.89 6.35
C GLY B 285 -9.24 25.96 5.12
N LEU B 286 -10.53 25.69 5.23
CA LEU B 286 -11.38 25.82 4.01
C LEU B 286 -11.50 27.22 3.48
N LEU B 287 -11.99 27.36 2.25
CA LEU B 287 -12.16 28.69 1.69
C LEU B 287 -13.54 29.26 1.98
N THR B 288 -13.61 30.56 2.20
CA THR B 288 -14.88 31.27 2.33
C THR B 288 -15.19 31.98 1.03
N THR B 289 -16.34 31.68 0.45
CA THR B 289 -16.61 32.28 -0.87
C THR B 289 -18.08 32.73 -1.09
N VAL B 290 -18.33 33.56 -2.08
CA VAL B 290 -19.71 33.96 -2.36
C VAL B 290 -20.33 32.87 -3.26
N CYS B 291 -21.44 32.27 -2.83
CA CYS B 291 -22.05 31.21 -3.62
C CYS B 291 -22.70 31.80 -4.87
N TYR B 292 -23.44 32.90 -4.70
CA TYR B 292 -24.11 33.60 -5.79
C TYR B 292 -24.83 34.82 -5.24
N LYS B 293 -25.16 35.76 -6.09
CA LYS B 293 -25.98 36.86 -5.65
C LYS B 293 -26.93 37.19 -6.76
N ILE B 294 -28.24 37.12 -6.48
CA ILE B 294 -29.27 37.33 -7.51
C ILE B 294 -29.89 38.72 -7.39
N GLY B 295 -29.32 39.69 -8.09
CA GLY B 295 -29.84 41.05 -8.07
C GLY B 295 -29.76 41.68 -6.68
N ASP B 296 -30.83 42.38 -6.32
CA ASP B 296 -30.97 43.07 -5.05
C ASP B 296 -30.91 42.14 -3.89
N ALA B 297 -31.31 40.89 -4.09
CA ALA B 297 -31.28 39.95 -2.98
C ALA B 297 -29.93 39.94 -2.24
N PRO B 298 -30.00 39.56 -0.97
CA PRO B 298 -28.80 39.42 -0.15
C PRO B 298 -27.92 38.33 -0.78
N ALA B 299 -26.60 38.49 -0.71
CA ALA B 299 -25.69 37.51 -1.25
C ALA B 299 -25.73 36.27 -0.40
N VAL B 300 -25.60 35.12 -1.04
CA VAL B 300 -25.54 33.84 -0.35
C VAL B 300 -24.06 33.40 -0.34
N TYR B 301 -23.62 32.80 0.76
CA TYR B 301 -22.23 32.41 0.98
C TYR B 301 -22.04 30.92 0.95
N ALA B 302 -20.77 30.53 0.90
CA ALA B 302 -20.45 29.11 0.98
C ALA B 302 -19.07 28.84 1.54
N LEU B 303 -18.91 27.62 1.99
CA LEU B 303 -17.60 27.15 2.38
C LEU B 303 -17.19 26.27 1.22
N GLU B 304 -15.94 26.41 0.80
CA GLU B 304 -15.41 25.58 -0.27
C GLU B 304 -14.21 24.70 0.20
N GLY B 305 -14.24 23.44 -0.23
CA GLY B 305 -13.23 22.46 0.12
C GLY B 305 -12.75 21.80 -1.17
N SER B 306 -11.47 21.48 -1.20
CA SER B 306 -10.86 20.82 -2.33
C SER B 306 -10.13 19.51 -1.91
N ILE B 307 -10.30 18.44 -2.67
CA ILE B 307 -9.61 17.21 -2.37
C ILE B 307 -8.71 16.87 -3.56
N ALA B 308 -7.42 16.87 -3.31
CA ALA B 308 -6.43 16.66 -4.39
C ALA B 308 -6.49 15.32 -5.11
N VAL B 309 -6.52 14.22 -4.37
CA VAL B 309 -6.50 12.91 -4.99
C VAL B 309 -7.80 12.13 -4.74
N THR B 310 -8.66 12.08 -5.77
CA THR B 310 -9.86 11.24 -5.77
C THR B 310 -9.88 10.30 -6.94
N GLY B 311 -10.32 10.78 -8.11
CA GLY B 311 -10.27 9.97 -9.31
C GLY B 311 -8.84 9.57 -9.68
N SER B 312 -7.83 10.40 -9.35
CA SER B 312 -6.41 10.08 -9.63
C SER B 312 -5.90 8.78 -9.03
N LEU B 313 -6.49 8.36 -7.92
CA LEU B 313 -6.02 7.17 -7.21
C LEU B 313 -6.05 5.92 -8.11
N VAL B 314 -7.22 5.58 -8.63
CA VAL B 314 -7.36 4.44 -9.51
C VAL B 314 -6.48 4.62 -10.75
N GLN B 315 -6.55 5.78 -11.39
CA GLN B 315 -5.66 6.09 -12.50
C GLN B 315 -4.22 5.71 -12.19
N TRP B 316 -3.73 6.14 -11.02
CA TRP B 316 -2.34 5.89 -10.56
C TRP B 316 -2.04 4.40 -10.40
N LEU B 317 -2.98 3.69 -9.78
CA LEU B 317 -2.85 2.26 -9.57
C LEU B 317 -2.74 1.55 -10.91
N ARG B 318 -3.32 2.14 -11.95
CA ARG B 318 -3.28 1.49 -13.25
C ARG B 318 -2.10 1.94 -14.06
N ASP B 319 -1.94 3.25 -14.24
CA ASP B 319 -0.86 3.76 -15.08
C ASP B 319 0.52 3.58 -14.46
N ASN B 320 0.62 3.55 -13.14
CA ASN B 320 1.90 3.40 -12.47
C ASN B 320 2.17 2.02 -11.88
N LEU B 321 1.18 1.41 -11.23
CA LEU B 321 1.44 0.10 -10.63
C LEU B 321 1.07 -1.03 -11.57
N GLY B 322 0.35 -0.70 -12.63
CA GLY B 322 0.01 -1.66 -13.65
C GLY B 322 -1.05 -2.62 -13.16
N MET B 323 -1.94 -2.11 -12.32
CA MET B 323 -3.05 -2.91 -11.83
C MET B 323 -4.28 -2.57 -12.66
N PHE B 324 -5.24 -3.48 -12.73
CA PHE B 324 -6.53 -3.13 -13.35
C PHE B 324 -6.38 -2.85 -14.83
N GLU B 325 -5.29 -3.28 -15.44
CA GLU B 325 -5.11 -3.07 -16.87
C GLU B 325 -6.18 -3.92 -17.54
N ASP B 326 -6.81 -4.73 -16.71
CA ASP B 326 -7.87 -5.65 -17.06
C ASP B 326 -9.20 -4.87 -16.97
N ALA B 327 -9.32 -3.97 -15.99
CA ALA B 327 -10.58 -3.27 -15.78
C ALA B 327 -10.52 -1.75 -15.91
N PRO B 328 -11.04 -1.21 -17.00
CA PRO B 328 -11.07 0.25 -17.17
C PRO B 328 -11.98 0.84 -16.10
N ASP B 329 -13.02 0.07 -15.73
CA ASP B 329 -13.95 0.47 -14.70
C ASP B 329 -13.77 -0.48 -13.49
N VAL B 330 -13.14 0.04 -12.45
CA VAL B 330 -12.83 -0.69 -11.23
C VAL B 330 -14.04 -1.04 -10.35
N GLU B 331 -15.14 -0.32 -10.58
CA GLU B 331 -16.38 -0.58 -9.89
C GLU B 331 -16.84 -2.03 -10.08
N TRP B 332 -16.39 -2.64 -11.17
CA TRP B 332 -16.78 -4.03 -11.43
C TRP B 332 -15.93 -5.02 -10.62
N LEU B 333 -14.69 -4.62 -10.33
CA LEU B 333 -13.87 -5.46 -9.47
C LEU B 333 -14.30 -5.31 -8.00
N ALA B 334 -14.57 -4.07 -7.60
CA ALA B 334 -14.94 -3.76 -6.23
C ALA B 334 -16.24 -4.45 -5.87
N GLY B 335 -17.07 -4.69 -6.88
CA GLY B 335 -18.37 -5.30 -6.66
C GLY B 335 -18.34 -6.79 -6.39
N LYS B 336 -17.19 -7.40 -6.58
CA LYS B 336 -17.03 -8.83 -6.36
C LYS B 336 -16.93 -9.18 -4.92
N VAL B 337 -16.62 -8.21 -4.08
CA VAL B 337 -16.52 -8.42 -2.66
C VAL B 337 -17.47 -7.45 -1.99
N GLN B 338 -17.89 -7.79 -0.79
CA GLN B 338 -18.80 -6.94 -0.04
C GLN B 338 -18.14 -5.89 0.82
N ASP B 339 -16.82 -5.97 1.04
CA ASP B 339 -16.17 -4.94 1.88
C ASP B 339 -14.71 -4.74 1.46
N ASN B 340 -14.01 -3.86 2.16
CA ASN B 340 -12.63 -3.54 1.84
C ASN B 340 -11.65 -4.61 2.31
N GLY B 341 -12.17 -5.64 2.96
CA GLY B 341 -11.33 -6.75 3.40
C GLY B 341 -10.33 -6.35 4.49
N GLY B 342 -10.51 -5.19 5.10
CA GLY B 342 -9.57 -4.76 6.10
C GLY B 342 -8.64 -3.68 5.52
N ALA B 343 -8.65 -3.44 4.22
CA ALA B 343 -7.74 -2.45 3.65
C ALA B 343 -8.27 -1.01 3.59
N TYR B 344 -7.36 -0.06 3.80
CA TYR B 344 -7.63 1.36 3.76
C TYR B 344 -6.51 2.12 3.03
N PHE B 345 -6.94 3.00 2.14
CA PHE B 345 -6.04 3.86 1.40
C PHE B 345 -5.98 5.21 2.08
N VAL B 346 -4.77 5.69 2.28
CA VAL B 346 -4.51 7.01 2.80
C VAL B 346 -3.90 7.83 1.67
N PRO B 347 -4.74 8.38 0.79
CA PRO B 347 -4.27 9.11 -0.39
C PRO B 347 -3.45 10.31 -0.03
N ALA B 348 -2.52 10.60 -0.94
CA ALA B 348 -1.67 11.76 -0.82
C ALA B 348 -2.53 12.98 -0.59
N PHE B 349 -2.07 13.87 0.28
CA PHE B 349 -2.80 15.10 0.59
C PHE B 349 -4.13 14.87 1.27
N SER B 350 -4.31 13.71 1.87
CA SER B 350 -5.58 13.38 2.52
C SER B 350 -5.65 13.93 3.97
N GLY B 351 -4.50 14.27 4.52
CA GLY B 351 -4.45 14.85 5.85
C GLY B 351 -4.82 16.33 5.79
N LEU B 352 -6.03 16.60 5.34
CA LEU B 352 -6.52 17.98 5.17
C LEU B 352 -6.76 18.69 6.51
N PHE B 353 -7.09 17.91 7.52
CA PHE B 353 -7.46 18.45 8.82
C PHE B 353 -6.69 17.79 9.95
N ALA B 354 -7.36 17.66 11.08
CA ALA B 354 -6.76 17.06 12.26
C ALA B 354 -6.12 15.77 11.85
N PRO B 355 -5.04 15.33 12.49
CA PRO B 355 -4.38 16.00 13.63
C PRO B 355 -3.62 17.27 13.29
N TYR B 356 -3.16 17.43 12.04
CA TYR B 356 -2.24 18.53 11.67
C TYR B 356 -2.68 19.57 10.66
N TRP B 357 -3.63 19.24 9.79
CA TRP B 357 -4.01 20.22 8.78
C TRP B 357 -2.83 20.55 7.89
N ARG B 358 -1.97 19.54 7.72
CA ARG B 358 -0.75 19.65 6.92
C ARG B 358 -0.73 18.58 5.85
N PRO B 359 -1.44 18.81 4.76
CA PRO B 359 -1.50 17.83 3.67
C PRO B 359 -0.11 17.57 3.11
N ASP B 360 0.21 16.29 2.87
CA ASP B 360 1.53 15.87 2.37
C ASP B 360 1.38 15.00 1.12
N ALA B 361 2.39 15.03 0.27
CA ALA B 361 2.41 14.27 -0.98
C ALA B 361 2.52 12.75 -0.78
N ARG B 362 2.96 12.36 0.40
CA ARG B 362 3.14 10.93 0.71
C ARG B 362 1.89 10.29 1.29
N GLY B 363 1.47 9.20 0.66
CA GLY B 363 0.31 8.43 1.08
C GLY B 363 0.70 7.02 1.48
N ALA B 364 -0.32 6.19 1.74
CA ALA B 364 -0.11 4.83 2.19
C ALA B 364 -1.30 3.92 1.88
N LEU B 365 -1.09 2.62 2.06
CA LEU B 365 -2.12 1.61 1.91
C LEU B 365 -1.94 0.65 3.09
N VAL B 366 -2.91 0.66 4.02
CA VAL B 366 -2.78 -0.17 5.21
C VAL B 366 -3.87 -1.25 5.34
N GLY B 367 -3.65 -2.14 6.30
CA GLY B 367 -4.55 -3.24 6.61
C GLY B 367 -4.48 -4.36 5.59
N LEU B 368 -3.27 -4.59 5.06
CA LEU B 368 -3.06 -5.63 4.06
C LEU B 368 -2.83 -6.96 4.72
N THR B 369 -3.52 -7.98 4.25
CA THR B 369 -3.33 -9.33 4.74
C THR B 369 -3.32 -10.30 3.57
N ARG B 370 -3.00 -11.54 3.88
CA ARG B 370 -2.91 -12.57 2.86
C ARG B 370 -4.19 -12.71 2.03
N TYR B 371 -5.37 -12.32 2.53
CA TYR B 371 -6.58 -12.61 1.76
C TYR B 371 -7.14 -11.47 0.95
N VAL B 372 -6.58 -10.29 1.20
CA VAL B 372 -6.92 -9.11 0.44
C VAL B 372 -6.41 -9.35 -0.96
N ASN B 373 -7.25 -9.02 -1.93
CA ASN B 373 -6.90 -9.15 -3.32
C ASN B 373 -7.28 -7.83 -4.00
N ARG B 374 -7.11 -7.75 -5.31
CA ARG B 374 -7.37 -6.48 -6.02
C ARG B 374 -8.83 -6.09 -6.01
N ASN B 375 -9.70 -7.00 -5.62
CA ASN B 375 -11.12 -6.65 -5.56
C ASN B 375 -11.35 -5.73 -4.36
N HIS B 376 -10.70 -6.08 -3.25
CA HIS B 376 -10.76 -5.29 -2.00
C HIS B 376 -10.08 -3.93 -2.19
N ILE B 377 -8.96 -3.96 -2.89
CA ILE B 377 -8.18 -2.75 -3.17
C ILE B 377 -9.00 -1.82 -4.02
N ALA B 378 -9.66 -2.39 -5.02
CA ALA B 378 -10.52 -1.57 -5.87
C ALA B 378 -11.58 -0.88 -5.01
N ARG B 379 -12.17 -1.60 -4.07
CA ARG B 379 -13.24 -1.04 -3.24
C ARG B 379 -12.69 -0.01 -2.26
N ALA B 380 -11.53 -0.32 -1.69
CA ALA B 380 -10.86 0.58 -0.76
C ALA B 380 -10.52 1.87 -1.48
N ALA B 381 -10.07 1.76 -2.72
CA ALA B 381 -9.74 2.95 -3.52
C ALA B 381 -10.95 3.88 -3.64
N LEU B 382 -12.11 3.29 -3.93
CA LEU B 382 -13.31 4.09 -4.07
C LEU B 382 -13.72 4.61 -2.72
N GLU B 383 -13.62 3.77 -1.71
CA GLU B 383 -14.02 4.20 -0.38
C GLU B 383 -13.29 5.48 0.01
N ALA B 384 -12.04 5.60 -0.41
CA ALA B 384 -11.22 6.74 -0.05
C ALA B 384 -11.75 8.04 -0.61
N THR B 385 -12.42 8.02 -1.76
CA THR B 385 -12.98 9.27 -2.25
C THR B 385 -14.17 9.70 -1.37
N ALA B 386 -14.95 8.71 -0.94
CA ALA B 386 -16.11 8.94 -0.07
C ALA B 386 -15.63 9.44 1.29
N PHE B 387 -14.58 8.81 1.81
CA PHE B 387 -14.11 9.17 3.12
C PHE B 387 -13.60 10.63 3.14
N GLN B 388 -12.76 10.99 2.16
CA GLN B 388 -12.25 12.38 2.12
C GLN B 388 -13.38 13.42 1.95
N SER B 389 -14.45 13.05 1.24
CA SER B 389 -15.55 14.02 1.12
C SER B 389 -16.22 14.16 2.45
N ARG B 390 -16.31 13.08 3.20
CA ARG B 390 -16.92 13.14 4.54
C ARG B 390 -16.14 14.03 5.52
N GLU B 391 -14.80 13.96 5.47
CA GLU B 391 -14.00 14.81 6.38
C GLU B 391 -14.05 16.28 6.02
N VAL B 392 -14.22 16.58 4.75
CA VAL B 392 -14.44 17.95 4.34
C VAL B 392 -15.84 18.39 4.80
N VAL B 393 -16.82 17.50 4.68
CA VAL B 393 -18.16 17.79 5.18
C VAL B 393 -18.14 18.11 6.70
N ASP B 394 -17.42 17.26 7.46
CA ASP B 394 -17.26 17.44 8.92
C ASP B 394 -16.59 18.74 9.33
N ALA B 395 -15.58 19.13 8.56
CA ALA B 395 -14.86 20.37 8.80
C ALA B 395 -15.76 21.59 8.50
N MET B 396 -16.68 21.41 7.55
CA MET B 396 -17.64 22.46 7.18
C MET B 396 -18.66 22.53 8.32
N ASN B 397 -19.06 21.38 8.85
CA ASN B 397 -20.01 21.36 9.96
C ASN B 397 -19.38 22.03 11.21
N ALA B 398 -18.19 21.58 11.59
CA ALA B 398 -17.42 22.18 12.69
C ALA B 398 -17.15 23.67 12.48
N ASP B 399 -17.30 24.17 11.26
CA ASP B 399 -17.03 25.59 11.05
C ASP B 399 -18.24 26.46 11.20
N SER B 400 -19.43 25.89 10.99
CA SER B 400 -20.66 26.68 10.92
C SER B 400 -21.83 26.11 11.69
N GLY B 401 -21.82 24.80 11.93
CA GLY B 401 -22.94 24.18 12.61
C GLY B 401 -24.08 24.03 11.63
N VAL B 402 -23.72 23.86 10.36
CA VAL B 402 -24.72 23.66 9.33
C VAL B 402 -24.66 22.19 8.89
N ASP B 403 -25.57 21.37 9.41
CA ASP B 403 -25.62 19.96 9.05
C ASP B 403 -25.92 19.80 7.56
N LEU B 404 -25.10 19.03 6.87
CA LEU B 404 -25.32 18.78 5.47
C LEU B 404 -26.70 18.16 5.39
N THR B 405 -27.57 18.65 4.50
CA THR B 405 -28.91 18.09 4.40
C THR B 405 -29.02 17.12 3.26
N GLU B 406 -28.19 17.30 2.24
CA GLU B 406 -28.34 16.54 1.02
C GLU B 406 -27.18 16.92 0.13
N LEU B 407 -26.63 15.94 -0.56
CA LEU B 407 -25.49 16.21 -1.43
C LEU B 407 -25.86 16.06 -2.91
N ARG B 408 -25.74 17.14 -3.70
CA ARG B 408 -25.97 17.00 -5.17
C ARG B 408 -24.61 16.80 -5.84
N VAL B 409 -24.53 15.86 -6.79
CA VAL B 409 -23.27 15.46 -7.39
C VAL B 409 -23.15 15.56 -8.92
N ASP B 410 -21.97 15.95 -9.39
CA ASP B 410 -21.68 15.96 -10.82
C ASP B 410 -20.27 15.48 -11.07
N GLY B 411 -19.89 15.38 -12.32
CA GLY B 411 -18.55 14.91 -12.61
C GLY B 411 -18.63 13.50 -13.12
N GLY B 412 -17.50 12.98 -13.60
CA GLY B 412 -17.47 11.67 -14.21
C GLY B 412 -17.82 10.47 -13.34
N MET B 413 -17.64 10.59 -12.02
CA MET B 413 -17.78 9.41 -11.19
C MET B 413 -19.21 9.13 -10.76
N VAL B 414 -20.14 10.02 -11.08
CA VAL B 414 -21.53 9.78 -10.67
C VAL B 414 -22.17 8.60 -11.41
N ALA B 415 -21.49 8.01 -12.39
CA ALA B 415 -22.03 6.80 -13.00
C ALA B 415 -21.79 5.56 -12.12
N ASN B 416 -20.90 5.72 -11.16
CA ASN B 416 -20.53 4.65 -10.24
C ASN B 416 -21.52 4.55 -9.08
N GLU B 417 -22.48 3.63 -9.17
CA GLU B 417 -23.52 3.45 -8.15
C GLU B 417 -22.96 2.93 -6.84
N LEU B 418 -21.92 2.12 -6.95
CA LEU B 418 -21.26 1.57 -5.77
C LEU B 418 -20.70 2.71 -4.96
N LEU B 419 -20.04 3.65 -5.63
CA LEU B 419 -19.41 4.75 -4.93
C LEU B 419 -20.47 5.71 -4.42
N MET B 420 -21.52 5.97 -5.23
CA MET B 420 -22.54 6.90 -4.79
C MET B 420 -23.34 6.37 -3.61
N GLN B 421 -23.61 5.07 -3.61
CA GLN B 421 -24.32 4.47 -2.47
C GLN B 421 -23.46 4.62 -1.23
N PHE B 422 -22.22 4.13 -1.30
CA PHE B 422 -21.31 4.21 -0.13
C PHE B 422 -21.21 5.64 0.34
N GLN B 423 -21.25 6.58 -0.60
CA GLN B 423 -21.14 7.99 -0.22
C GLN B 423 -22.35 8.41 0.60
N ALA B 424 -23.52 7.94 0.21
CA ALA B 424 -24.76 8.22 0.95
C ALA B 424 -24.63 7.54 2.31
N ASP B 425 -24.17 6.31 2.32
CA ASP B 425 -23.97 5.58 3.56
C ASP B 425 -23.06 6.34 4.52
N GLN B 426 -21.93 6.87 4.01
CA GLN B 426 -21.00 7.61 4.88
C GLN B 426 -21.51 8.99 5.34
N LEU B 427 -22.27 9.68 4.50
CA LEU B 427 -22.74 11.00 4.89
C LEU B 427 -24.03 10.92 5.70
N GLY B 428 -24.74 9.81 5.56
CA GLY B 428 -25.94 9.60 6.32
C GLY B 428 -27.00 10.54 5.81
N VAL B 429 -26.81 11.08 4.61
CA VAL B 429 -27.83 11.90 3.97
C VAL B 429 -27.98 11.44 2.53
N ASP B 430 -29.01 11.97 1.88
CA ASP B 430 -29.30 11.65 0.48
C ASP B 430 -28.27 12.22 -0.49
N VAL B 431 -27.89 11.42 -1.47
CA VAL B 431 -27.02 11.84 -2.52
C VAL B 431 -27.82 11.82 -3.83
N VAL B 432 -27.90 12.94 -4.53
CA VAL B 432 -28.68 13.01 -5.76
C VAL B 432 -27.92 13.51 -7.01
N ARG B 433 -28.17 12.85 -8.13
CA ARG B 433 -27.56 13.28 -9.36
C ARG B 433 -28.64 13.79 -10.30
N PRO B 434 -28.36 14.94 -10.89
CA PRO B 434 -29.31 15.60 -11.77
C PRO B 434 -29.48 14.82 -13.07
N LYS B 435 -30.57 15.07 -13.78
CA LYS B 435 -30.71 14.46 -15.09
C LYS B 435 -29.74 15.15 -16.04
N VAL B 436 -29.55 16.45 -15.86
CA VAL B 436 -28.66 17.21 -16.75
C VAL B 436 -27.28 17.29 -16.14
N ALA B 437 -26.31 16.65 -16.77
CA ALA B 437 -24.99 16.57 -16.18
C ALA B 437 -24.19 17.87 -16.34
N GLU B 438 -24.53 18.69 -17.30
CA GLU B 438 -23.73 19.90 -17.51
C GLU B 438 -24.17 21.01 -16.59
N THR B 439 -23.91 20.82 -15.29
CA THR B 439 -24.39 21.72 -14.25
C THR B 439 -23.84 23.12 -14.28
N THR B 440 -22.57 23.27 -14.64
CA THR B 440 -21.99 24.58 -14.66
C THR B 440 -22.74 25.42 -15.69
N ALA B 441 -22.92 24.91 -16.92
CA ALA B 441 -23.64 25.66 -17.96
C ALA B 441 -25.08 25.96 -17.60
N LEU B 442 -25.77 24.96 -17.06
CA LEU B 442 -27.16 25.12 -16.68
C LEU B 442 -27.23 26.22 -15.63
N GLY B 443 -26.30 26.18 -14.67
CA GLY B 443 -26.22 27.18 -13.64
C GLY B 443 -26.12 28.58 -14.23
N ALA B 444 -25.25 28.75 -15.22
CA ALA B 444 -25.20 30.06 -15.90
C ALA B 444 -26.54 30.39 -16.59
N ALA B 445 -27.22 29.38 -17.12
CA ALA B 445 -28.51 29.60 -17.77
C ALA B 445 -29.53 30.07 -16.77
N TYR B 446 -29.61 29.39 -15.64
CA TYR B 446 -30.57 29.77 -14.63
C TYR B 446 -30.42 31.22 -14.19
N ALA B 447 -29.19 31.64 -13.95
CA ALA B 447 -28.92 32.99 -13.48
C ALA B 447 -29.37 34.02 -14.50
N ALA B 448 -29.00 33.85 -15.75
CA ALA B 448 -29.39 34.78 -16.79
C ALA B 448 -30.90 34.77 -16.99
N GLY B 449 -31.47 33.57 -16.99
CA GLY B 449 -32.89 33.39 -17.25
C GLY B 449 -33.77 34.11 -16.23
N ILE B 450 -33.35 34.03 -14.98
CA ILE B 450 -34.04 34.69 -13.88
C ILE B 450 -33.93 36.18 -14.01
N ALA B 451 -32.80 36.67 -14.50
CA ALA B 451 -32.64 38.12 -14.62
C ALA B 451 -33.58 38.74 -15.64
N VAL B 452 -33.93 38.00 -16.68
CA VAL B 452 -34.83 38.52 -17.71
C VAL B 452 -36.25 37.97 -17.54
N GLY B 453 -36.46 37.14 -16.53
CA GLY B 453 -37.80 36.63 -16.30
C GLY B 453 -38.13 35.35 -17.05
N PHE B 454 -37.21 34.80 -17.84
CA PHE B 454 -37.45 33.50 -18.50
C PHE B 454 -37.90 32.51 -17.43
N TRP B 455 -37.35 32.66 -16.23
CA TRP B 455 -37.81 31.88 -15.08
C TRP B 455 -38.18 32.93 -14.07
N LYS B 456 -39.17 32.65 -13.22
CA LYS B 456 -39.62 33.64 -12.23
C LYS B 456 -38.68 33.86 -11.06
N GLY B 457 -37.93 32.86 -10.68
CA GLY B 457 -37.06 33.00 -9.51
C GLY B 457 -36.49 31.65 -9.17
N GLU B 458 -35.95 31.50 -7.96
CA GLU B 458 -35.34 30.24 -7.53
C GLU B 458 -36.37 29.15 -7.32
N GLN B 459 -37.51 29.50 -6.74
CA GLN B 459 -38.54 28.46 -6.59
C GLN B 459 -38.99 27.96 -7.97
N ASP B 460 -39.15 28.87 -8.91
CA ASP B 460 -39.52 28.45 -10.27
C ASP B 460 -38.48 27.48 -10.90
N VAL B 461 -37.21 27.73 -10.63
CA VAL B 461 -36.14 26.85 -11.12
C VAL B 461 -36.25 25.48 -10.50
N ILE B 462 -36.44 25.49 -9.20
CA ILE B 462 -36.70 24.25 -8.47
C ILE B 462 -37.90 23.50 -9.12
N ASP B 463 -38.96 24.22 -9.44
CA ASP B 463 -40.13 23.59 -10.04
C ASP B 463 -39.80 22.96 -11.39
N ASN B 464 -38.70 23.36 -12.01
CA ASN B 464 -38.28 22.77 -13.31
C ASN B 464 -37.01 21.91 -13.27
N TRP B 465 -36.47 21.73 -12.07
CA TRP B 465 -35.21 21.00 -11.92
C TRP B 465 -35.47 19.53 -12.15
N ALA B 466 -34.66 18.89 -13.00
CA ALA B 466 -34.80 17.47 -13.27
C ALA B 466 -33.85 16.57 -12.49
N GLU B 467 -34.42 15.62 -11.76
CA GLU B 467 -33.64 14.69 -10.96
C GLU B 467 -33.56 13.32 -11.63
N ASP B 468 -32.35 12.78 -11.69
CA ASP B 468 -32.13 11.47 -12.26
C ASP B 468 -32.28 10.38 -11.23
N LYS B 469 -31.39 10.34 -10.26
CA LYS B 469 -31.41 9.28 -9.30
C LYS B 469 -30.98 9.81 -7.96
N ARG B 470 -31.40 9.10 -6.93
CA ARG B 470 -31.06 9.50 -5.58
C ARG B 470 -30.76 8.25 -4.72
N TRP B 471 -29.74 8.36 -3.86
CA TRP B 471 -29.37 7.27 -2.96
C TRP B 471 -29.59 7.71 -1.53
N SER B 472 -30.20 6.81 -0.79
CA SER B 472 -30.48 6.99 0.64
C SER B 472 -29.51 6.14 1.46
N PRO B 473 -29.08 6.65 2.61
CA PRO B 473 -28.14 5.91 3.45
C PRO B 473 -28.74 4.58 3.78
N SER B 474 -27.98 3.50 3.69
CA SER B 474 -28.51 2.16 3.96
C SER B 474 -27.55 1.34 4.80
N MET B 475 -26.47 1.94 5.25
CA MET B 475 -25.52 1.18 6.03
C MET B 475 -25.78 1.43 7.50
N GLU B 476 -25.70 0.35 8.28
CA GLU B 476 -25.88 0.40 9.74
C GLU B 476 -24.87 1.35 10.38
N SER B 477 -25.32 2.11 11.37
CA SER B 477 -24.47 3.08 12.04
C SER B 477 -23.14 2.55 12.55
N GLY B 478 -23.13 1.30 12.97
CA GLY B 478 -21.91 0.72 13.50
C GLY B 478 -20.86 0.52 12.43
N GLU B 479 -21.29 -0.05 11.31
CA GLU B 479 -20.37 -0.34 10.23
C GLU B 479 -19.87 0.99 9.67
N ARG B 480 -20.78 1.93 9.53
CA ARG B 480 -20.51 3.25 9.00
C ARG B 480 -19.40 3.95 9.75
N GLU B 481 -19.54 3.99 11.07
CA GLU B 481 -18.58 4.70 11.87
C GLU B 481 -17.31 3.92 12.04
N ARG B 482 -17.40 2.61 12.13
CA ARG B 482 -16.19 1.83 12.29
C ARG B 482 -15.24 2.01 11.09
N LEU B 483 -15.78 1.89 9.89
CA LEU B 483 -15.00 2.13 8.68
C LEU B 483 -14.35 3.52 8.68
N TYR B 484 -15.13 4.54 8.99
CA TYR B 484 -14.62 5.91 8.98
C TYR B 484 -13.56 6.23 10.01
N ARG B 485 -13.73 5.77 11.25
CA ARG B 485 -12.72 6.06 12.25
C ARG B 485 -11.45 5.23 12.07
N ASN B 486 -11.62 4.05 11.49
CA ASN B 486 -10.49 3.21 11.17
C ASN B 486 -9.65 3.96 10.11
N TRP B 487 -10.34 4.53 9.13
CA TRP B 487 -9.65 5.23 8.06
C TRP B 487 -8.98 6.47 8.59
N LYS B 488 -9.69 7.20 9.45
CA LYS B 488 -9.12 8.38 10.04
C LYS B 488 -7.88 8.06 10.88
N LYS B 489 -7.85 6.90 11.53
CA LYS B 489 -6.68 6.50 12.27
C LYS B 489 -5.54 6.20 11.29
N ALA B 490 -5.89 5.70 10.10
CA ALA B 490 -4.88 5.35 9.11
C ALA B 490 -4.25 6.62 8.63
N VAL B 491 -5.08 7.61 8.39
CA VAL B 491 -4.58 8.90 7.94
C VAL B 491 -3.67 9.54 9.00
N THR B 492 -4.07 9.42 10.27
CA THR B 492 -3.33 9.99 11.39
C THR B 492 -1.95 9.34 11.50
N LYS B 493 -1.93 8.02 11.53
CA LYS B 493 -0.70 7.24 11.68
C LYS B 493 0.27 7.47 10.52
N THR B 494 -0.32 7.57 9.32
CA THR B 494 0.47 7.86 8.15
C THR B 494 1.16 9.22 8.25
N MET B 495 0.43 10.22 8.71
CA MET B 495 0.97 11.55 8.83
C MET B 495 2.11 11.53 9.84
N GLU B 496 1.98 10.70 10.86
CA GLU B 496 2.98 10.62 11.91
C GLU B 496 4.23 9.99 11.35
N TRP B 497 4.08 8.99 10.50
CA TRP B 497 5.22 8.36 9.91
C TRP B 497 5.89 9.37 8.95
N VAL B 498 5.07 10.08 8.19
CA VAL B 498 5.58 11.04 7.21
C VAL B 498 6.41 12.12 7.89
N ASP B 499 6.01 12.49 9.11
CA ASP B 499 6.70 13.52 9.87
C ASP B 499 8.07 13.04 10.29
N GLU B 500 8.28 11.72 10.39
CA GLU B 500 9.60 11.21 10.78
C GLU B 500 10.32 10.53 9.59
N ASP B 501 9.76 10.72 8.41
CA ASP B 501 10.31 10.08 7.22
C ASP B 501 11.39 10.96 6.60
N VAL B 502 12.65 10.61 6.80
CA VAL B 502 13.77 11.43 6.36
C VAL B 502 14.11 11.03 4.95
N GLU B 503 13.69 11.85 3.98
CA GLU B 503 13.86 11.55 2.57
C GLU B 503 14.85 12.52 1.91
#